data_6PQY
#
_entry.id   6PQY
#
_cell.length_a   1.00
_cell.length_b   1.00
_cell.length_c   1.00
_cell.angle_alpha   90.00
_cell.angle_beta   90.00
_cell.angle_gamma   90.00
#
_symmetry.space_group_name_H-M   'P 1'
#
loop_
_entity.id
_entity.type
_entity.pdbx_description
1 polymer 'Putative DNA-mediated transposase'
2 polymer "DNA (5'-D(P*CP*AP*CP*GP*GP*TP*GP*GP*AP*TP*CP*GP*AP*AP*AP*A)-3')"
3 polymer "DNA (5'-D(P*TP*TP*TP*TP*CP*GP*AP*TP*CP*CP*AP*CP*CP*GP*TP*G)-3')"
#
loop_
_entity_poly.entity_id
_entity_poly.type
_entity_poly.pdbx_seq_one_letter_code
_entity_poly.pdbx_strand_id
1 'polypeptide(L)'
;KPAPSTIFSPEKALGLLLSLKLSKWQYITLRETTIREGSKEIYPSYYKVQKAKLQCYPPKAFVAVTDSSAKIALQALLDL
TVNRIFETIRSPDAIQNKQLILISKWGFDGASNQSRYKQNIESGQGDSSIFMTSLVPLKLTADGDTVWVNPKPCSPMYCR
PVQFSFVKETKDVVINEKTAMDDEIEALVPSKCQGHEISHKLMMTMIDGKICTYLSEAKSNAACYLCLAKPTEMSKLDVI
ASKTISSGVYEFGLSTLHARINVMECLLHIAYRLDFKKWSARGEGHQELLHSRKKLIQDRFKDDLNLLIDIVKQGSGTTN
DGNTARRFFEFPDKTAAITGLDEDLIRRFSVILQAITSGEIIDVPKFKEYARTTAEKYVELYDWYYMSSTVHKLLIHGGD
IIAENAIVPIGSLSEEASEARNKDFRRFREHHSRKKSRQASNEDILNMLIISSDPLISFTRPKLDAHKRQTYFKETVELL
QLQDQEAPTEFHHHHHH
;
A,D
2 'polydeoxyribonucleotide' (DC)(DA)(DC)(DG)(DG)(DT)(DG)(DG)(DA)(DT)(DC)(DG)(DA)(DA)(DA)(DA) B,E
3 'polydeoxyribonucleotide' (DT)(DT)(DT)(DT)(DC)(DG)(DA)(DT)(DC)(DC)(DA)(DC)(DC)(DG)(DT)(DG) C,F
#
loop_
_chem_comp.id
_chem_comp.type
_chem_comp.name
_chem_comp.formula
DA DNA linking 2'-DEOXYADENOSINE-5'-MONOPHOSPHATE 'C10 H14 N5 O6 P'
DC DNA linking 2'-DEOXYCYTIDINE-5'-MONOPHOSPHATE 'C9 H14 N3 O7 P'
DG DNA linking 2'-DEOXYGUANOSINE-5'-MONOPHOSPHATE 'C10 H14 N5 O7 P'
DT DNA linking THYMIDINE-5'-MONOPHOSPHATE 'C10 H15 N2 O8 P'
#
# COMPACT_ATOMS: atom_id res chain seq x y z
N SER A 5 -9.08 -22.48 -28.42
CA SER A 5 -9.77 -23.40 -27.54
C SER A 5 -9.38 -23.15 -26.09
N THR A 6 -9.67 -21.95 -25.61
CA THR A 6 -9.40 -21.58 -24.23
C THR A 6 -10.65 -20.96 -23.65
N ILE A 7 -10.91 -21.25 -22.38
CA ILE A 7 -12.15 -20.79 -21.75
C ILE A 7 -12.21 -19.27 -21.74
N PHE A 8 -11.28 -18.65 -21.06
CA PHE A 8 -11.16 -17.20 -21.12
C PHE A 8 -10.52 -16.79 -22.44
N SER A 9 -11.23 -15.96 -23.20
CA SER A 9 -10.61 -15.24 -24.30
C SER A 9 -9.47 -14.38 -23.79
N PRO A 10 -8.39 -14.24 -24.55
CA PRO A 10 -7.36 -13.27 -24.15
C PRO A 10 -7.93 -11.88 -24.04
N GLU A 11 -8.87 -11.53 -24.92
CA GLU A 11 -9.51 -10.25 -24.83
C GLU A 11 -10.36 -10.10 -23.58
N LYS A 12 -10.86 -11.20 -23.04
CA LYS A 12 -11.50 -11.12 -21.75
C LYS A 12 -10.53 -11.28 -20.61
N ALA A 13 -9.47 -12.07 -20.82
CA ALA A 13 -8.45 -12.23 -19.79
C ALA A 13 -7.76 -10.92 -19.46
N LEU A 14 -7.67 -10.01 -20.42
CA LEU A 14 -7.09 -8.71 -20.08
C LEU A 14 -7.99 -7.93 -19.15
N GLY A 15 -9.30 -7.94 -19.39
CA GLY A 15 -10.23 -7.34 -18.43
C GLY A 15 -10.23 -8.06 -17.10
N LEU A 16 -9.92 -9.35 -17.12
CA LEU A 16 -9.78 -10.08 -15.88
C LEU A 16 -8.57 -9.57 -15.10
N LEU A 17 -7.46 -9.35 -15.79
CA LEU A 17 -6.32 -8.69 -15.15
C LEU A 17 -6.71 -7.32 -14.62
N LEU A 18 -7.55 -6.59 -15.35
CA LEU A 18 -7.99 -5.29 -14.85
C LEU A 18 -8.73 -5.40 -13.53
N SER A 19 -9.80 -6.17 -13.51
CA SER A 19 -10.65 -6.18 -12.32
C SER A 19 -9.88 -6.63 -11.08
N LEU A 20 -8.98 -7.57 -11.25
CA LEU A 20 -8.23 -8.07 -10.11
C LEU A 20 -7.00 -7.25 -9.78
N LYS A 21 -6.48 -6.48 -10.73
CA LYS A 21 -5.35 -5.59 -10.49
C LYS A 21 -4.12 -6.40 -10.04
N LEU A 22 -3.77 -7.40 -10.82
CA LEU A 22 -2.74 -8.35 -10.44
C LEU A 22 -1.39 -7.96 -11.02
N SER A 23 -0.34 -8.60 -10.52
CA SER A 23 0.94 -8.50 -11.17
C SER A 23 1.01 -9.44 -12.36
N LYS A 24 2.07 -9.32 -13.14
CA LYS A 24 2.42 -10.40 -14.06
C LYS A 24 2.67 -11.69 -13.27
N TRP A 25 3.45 -11.57 -12.21
CA TRP A 25 3.77 -12.71 -11.37
C TRP A 25 2.51 -13.37 -10.82
N GLN A 26 1.59 -12.56 -10.31
CA GLN A 26 0.35 -13.12 -9.78
C GLN A 26 -0.43 -13.88 -10.84
N TYR A 27 -0.48 -13.33 -12.05
CA TYR A 27 -1.23 -13.97 -13.11
C TYR A 27 -0.63 -15.30 -13.53
N ILE A 28 0.68 -15.32 -13.77
CA ILE A 28 1.31 -16.58 -14.10
C ILE A 28 1.15 -17.60 -12.98
N THR A 29 1.24 -17.16 -11.73
CA THR A 29 1.07 -18.10 -10.62
C THR A 29 -0.32 -18.69 -10.59
N LEU A 30 -1.34 -17.86 -10.76
CA LEU A 30 -2.70 -18.35 -10.77
C LEU A 30 -2.97 -19.32 -11.91
N ARG A 31 -2.54 -18.97 -13.11
CA ARG A 31 -2.67 -19.91 -14.22
C ARG A 31 -1.99 -21.24 -13.91
N GLU A 32 -0.73 -21.19 -13.49
CA GLU A 32 -0.01 -22.43 -13.26
C GLU A 32 -0.65 -23.30 -12.18
N THR A 33 -1.18 -22.68 -11.13
CA THR A 33 -1.89 -23.49 -10.14
C THR A 33 -3.16 -24.08 -10.72
N THR A 34 -3.83 -23.37 -11.62
CA THR A 34 -4.92 -24.02 -12.34
C THR A 34 -4.42 -25.21 -13.15
N ILE A 35 -3.21 -25.09 -13.71
CA ILE A 35 -2.62 -26.18 -14.48
C ILE A 35 -2.40 -27.41 -13.61
N ARG A 36 -1.66 -27.25 -12.52
CA ARG A 36 -1.25 -28.40 -11.74
C ARG A 36 -2.42 -29.18 -11.12
N GLU A 37 -3.65 -28.69 -11.23
CA GLU A 37 -4.82 -29.49 -10.88
C GLU A 37 -5.54 -30.01 -12.11
N GLY A 38 -4.76 -30.36 -13.13
CA GLY A 38 -5.25 -31.12 -14.27
C GLY A 38 -6.05 -30.33 -15.28
N SER A 39 -6.35 -29.07 -15.01
CA SER A 39 -7.24 -28.29 -15.85
C SER A 39 -6.42 -27.22 -16.56
N LYS A 40 -6.43 -27.24 -17.89
CA LYS A 40 -5.55 -26.43 -18.71
C LYS A 40 -6.24 -25.28 -19.40
N GLU A 41 -7.44 -25.50 -19.89
CA GLU A 41 -8.05 -24.65 -20.89
C GLU A 41 -8.56 -23.34 -20.30
N ILE A 42 -8.51 -23.19 -18.99
CA ILE A 42 -9.11 -22.03 -18.35
C ILE A 42 -8.32 -20.77 -18.67
N TYR A 43 -7.07 -20.72 -18.21
CA TYR A 43 -6.32 -19.48 -18.24
C TYR A 43 -5.38 -19.46 -19.43
N PRO A 44 -5.52 -18.49 -20.32
CA PRO A 44 -4.50 -18.31 -21.35
C PRO A 44 -3.19 -17.87 -20.75
N SER A 45 -2.10 -18.32 -21.35
CA SER A 45 -0.80 -17.88 -20.91
C SER A 45 -0.61 -16.39 -21.14
N TYR A 46 0.34 -15.84 -20.38
CA TYR A 46 0.59 -14.40 -20.36
C TYR A 46 0.94 -13.82 -21.72
N TYR A 47 1.57 -14.61 -22.58
CA TYR A 47 1.98 -14.13 -23.89
C TYR A 47 0.80 -13.60 -24.71
N LYS A 48 -0.34 -14.28 -24.66
CA LYS A 48 -1.47 -13.79 -25.42
C LYS A 48 -2.05 -12.55 -24.78
N VAL A 49 -1.91 -12.42 -23.48
CA VAL A 49 -2.27 -11.18 -22.82
C VAL A 49 -1.38 -10.04 -23.31
N GLN A 50 -0.09 -10.30 -23.42
CA GLN A 50 0.84 -9.36 -24.03
C GLN A 50 0.37 -8.90 -25.39
N LYS A 51 0.00 -9.85 -26.24
CA LYS A 51 -0.47 -9.47 -27.56
C LYS A 51 -1.72 -8.62 -27.51
N ALA A 52 -2.67 -8.99 -26.67
CA ALA A 52 -3.86 -8.16 -26.47
C ALA A 52 -3.51 -6.74 -26.05
N LYS A 53 -2.55 -6.61 -25.15
CA LYS A 53 -2.12 -5.27 -24.73
C LYS A 53 -1.48 -4.47 -25.85
N LEU A 54 -0.52 -5.06 -26.56
CA LEU A 54 0.09 -4.34 -27.67
C LEU A 54 -0.94 -3.95 -28.71
N GLN A 55 -1.94 -4.79 -28.93
CA GLN A 55 -3.07 -4.35 -29.75
C GLN A 55 -3.74 -3.13 -29.15
N CYS A 56 -3.96 -3.13 -27.84
CA CYS A 56 -4.62 -2.00 -27.24
C CYS A 56 -3.80 -0.73 -27.26
N TYR A 57 -2.48 -0.83 -27.38
CA TYR A 57 -1.70 0.38 -27.54
C TYR A 57 -1.94 1.01 -28.91
N PRO A 58 -1.76 2.32 -29.02
CA PRO A 58 -1.46 2.93 -30.30
C PRO A 58 -0.01 2.68 -30.66
N PRO A 59 0.33 2.67 -31.94
CA PRO A 59 1.74 2.49 -32.33
C PRO A 59 2.64 3.56 -31.74
N LYS A 60 3.84 3.13 -31.36
CA LYS A 60 4.82 3.96 -30.67
C LYS A 60 5.35 5.12 -31.49
N ALA A 61 4.84 5.30 -32.70
CA ALA A 61 5.16 6.48 -33.48
C ALA A 61 4.66 7.76 -32.83
N PHE A 62 3.65 7.66 -31.97
CA PHE A 62 2.97 8.83 -31.44
C PHE A 62 3.17 9.00 -29.94
N VAL A 63 3.83 8.04 -29.29
CA VAL A 63 4.03 8.11 -27.85
C VAL A 63 5.17 9.08 -27.55
N ALA A 64 4.92 10.01 -26.64
CA ALA A 64 5.93 10.94 -26.15
C ALA A 64 6.08 10.65 -24.67
N VAL A 65 7.19 10.03 -24.28
CA VAL A 65 7.41 9.58 -22.93
C VAL A 65 8.68 10.21 -22.40
N THR A 66 8.63 10.70 -21.17
CA THR A 66 9.79 11.30 -20.53
C THR A 66 9.87 10.81 -19.09
N ASP A 67 10.95 11.21 -18.43
CA ASP A 67 11.02 11.07 -16.98
C ASP A 67 9.96 11.92 -16.31
N SER A 68 9.55 13.00 -16.97
CA SER A 68 8.79 14.07 -16.36
C SER A 68 7.35 14.14 -16.86
N SER A 69 7.09 13.72 -18.09
CA SER A 69 5.82 14.04 -18.73
C SER A 69 5.63 13.10 -19.91
N ALA A 70 4.41 13.07 -20.41
CA ALA A 70 4.12 12.24 -21.58
C ALA A 70 2.84 12.72 -22.24
N LYS A 71 2.74 12.42 -23.53
CA LYS A 71 1.57 12.81 -24.31
C LYS A 71 1.44 11.88 -25.50
N ILE A 72 0.34 12.07 -26.24
CA ILE A 72 0.06 11.29 -27.43
C ILE A 72 -0.45 12.21 -28.53
N ALA A 73 -0.40 11.71 -29.76
CA ALA A 73 -1.03 12.42 -30.87
C ALA A 73 -2.53 12.19 -30.86
N LEU A 74 -3.28 13.28 -30.73
CA LEU A 74 -4.74 13.22 -30.70
C LEU A 74 -5.32 12.48 -31.89
N GLN A 75 -4.80 12.77 -33.08
CA GLN A 75 -5.25 12.11 -34.30
C GLN A 75 -5.20 10.59 -34.18
N ALA A 76 -3.99 10.07 -34.02
CA ALA A 76 -3.80 8.63 -33.93
C ALA A 76 -4.58 8.00 -32.78
N LEU A 77 -4.69 8.71 -31.68
CA LEU A 77 -5.45 8.19 -30.56
C LEU A 77 -6.93 8.05 -30.87
N LEU A 78 -7.53 9.08 -31.46
CA LEU A 78 -8.92 8.97 -31.89
C LEU A 78 -9.14 7.86 -32.91
N ASP A 79 -8.23 7.72 -33.89
CA ASP A 79 -8.31 6.60 -34.81
C ASP A 79 -8.27 5.25 -34.10
N LEU A 80 -7.35 5.08 -33.16
CA LEU A 80 -7.30 3.84 -32.40
C LEU A 80 -8.61 3.59 -31.68
N THR A 81 -9.17 4.62 -31.06
CA THR A 81 -10.41 4.47 -30.31
C THR A 81 -11.58 4.10 -31.19
N VAL A 82 -11.71 4.75 -32.34
CA VAL A 82 -12.81 4.38 -33.22
C VAL A 82 -12.61 3.00 -33.81
N ASN A 83 -11.37 2.59 -34.07
CA ASN A 83 -11.11 1.21 -34.48
C ASN A 83 -11.61 0.21 -33.43
N ARG A 84 -11.31 0.48 -32.17
CA ARG A 84 -11.81 -0.39 -31.12
C ARG A 84 -13.34 -0.38 -31.05
N ILE A 85 -13.94 0.80 -30.94
CA ILE A 85 -15.38 0.86 -30.77
C ILE A 85 -16.12 0.36 -31.99
N PHE A 86 -15.47 0.36 -33.15
CA PHE A 86 -15.91 -0.49 -34.25
C PHE A 86 -16.01 -1.91 -33.73
N GLU A 87 -14.83 -2.48 -33.48
CA GLU A 87 -14.74 -3.92 -33.35
C GLU A 87 -15.57 -4.48 -32.21
N THR A 88 -15.71 -3.76 -31.11
CA THR A 88 -16.23 -4.39 -29.90
C THR A 88 -17.70 -4.76 -30.03
N ILE A 89 -18.56 -3.76 -30.17
CA ILE A 89 -20.00 -4.00 -30.06
C ILE A 89 -20.80 -3.53 -31.26
N ARG A 90 -20.25 -2.68 -32.12
CA ARG A 90 -20.98 -2.33 -33.33
C ARG A 90 -21.24 -3.58 -34.14
N SER A 91 -22.51 -3.89 -34.33
CA SER A 91 -22.93 -4.99 -35.18
C SER A 91 -22.45 -4.66 -36.59
N PRO A 92 -21.40 -5.33 -37.05
CA PRO A 92 -20.60 -4.78 -38.16
C PRO A 92 -21.41 -4.69 -39.45
N ASP A 93 -21.23 -3.58 -40.14
CA ASP A 93 -21.92 -3.27 -41.38
C ASP A 93 -23.44 -3.28 -41.20
N ALA A 94 -23.90 -2.89 -40.01
CA ALA A 94 -25.30 -2.57 -39.87
C ALA A 94 -25.65 -1.39 -40.78
N ILE A 95 -24.69 -0.52 -41.03
CA ILE A 95 -24.81 0.53 -42.02
C ILE A 95 -23.42 0.92 -42.48
N GLN A 96 -23.30 1.19 -43.77
CA GLN A 96 -22.10 1.79 -44.35
C GLN A 96 -22.40 3.07 -45.10
N ASN A 97 -23.67 3.30 -45.48
CA ASN A 97 -24.00 4.23 -46.54
C ASN A 97 -23.79 5.68 -46.09
N LYS A 98 -24.43 6.06 -45.00
CA LYS A 98 -24.38 7.44 -44.55
C LYS A 98 -23.09 7.73 -43.78
N GLN A 99 -22.59 8.95 -43.97
CA GLN A 99 -21.33 9.38 -43.39
C GLN A 99 -21.45 9.63 -41.89
N LEU A 100 -20.49 9.11 -41.14
CA LEU A 100 -20.58 9.00 -39.70
C LEU A 100 -19.73 10.07 -39.02
N ILE A 101 -20.18 10.50 -37.85
CA ILE A 101 -19.42 11.43 -37.03
C ILE A 101 -19.41 10.89 -35.60
N LEU A 102 -18.31 11.16 -34.90
CA LEU A 102 -18.12 10.70 -33.53
C LEU A 102 -18.03 11.91 -32.60
N ILE A 103 -18.80 11.87 -31.53
CA ILE A 103 -18.86 12.97 -30.57
C ILE A 103 -18.07 12.60 -29.33
N SER A 104 -17.33 13.57 -28.80
CA SER A 104 -16.51 13.30 -27.64
C SER A 104 -16.42 14.54 -26.77
N LYS A 105 -16.33 14.31 -25.47
CA LYS A 105 -16.02 15.33 -24.49
C LYS A 105 -14.55 15.28 -24.16
N TRP A 106 -14.00 16.41 -23.74
CA TRP A 106 -12.58 16.43 -23.43
C TRP A 106 -12.28 17.54 -22.44
N GLY A 107 -11.09 17.44 -21.87
CA GLY A 107 -10.64 18.41 -20.89
C GLY A 107 -9.62 17.77 -19.98
N PHE A 108 -9.38 18.40 -18.84
CA PHE A 108 -8.30 17.95 -17.98
C PHE A 108 -8.36 18.67 -16.65
N ASP A 109 -7.63 18.14 -15.69
CA ASP A 109 -7.32 18.83 -14.44
C ASP A 109 -6.19 18.06 -13.78
N GLY A 110 -5.84 18.49 -12.56
CA GLY A 110 -4.87 17.77 -11.76
C GLY A 110 -5.09 17.80 -10.27
N ALA A 111 -4.09 17.36 -9.54
CA ALA A 111 -4.10 17.39 -8.08
C ALA A 111 -2.67 17.23 -7.58
N SER A 112 -2.46 17.67 -6.34
CA SER A 112 -1.17 17.52 -5.69
C SER A 112 -0.92 16.09 -5.27
N ASN A 113 0.35 15.68 -5.31
CA ASN A 113 0.75 14.37 -4.79
C ASN A 113 1.02 14.56 -3.30
N GLN A 114 -0.02 14.36 -2.49
CA GLN A 114 0.15 14.36 -1.05
C GLN A 114 0.96 13.14 -0.60
N SER A 115 1.95 13.37 0.24
CA SER A 115 2.91 12.34 0.63
C SER A 115 3.49 12.72 1.98
N ARG A 116 4.34 11.84 2.51
CA ARG A 116 5.06 12.14 3.73
C ARG A 116 6.02 13.31 3.53
N TYR A 117 6.52 13.83 4.65
CA TYR A 117 7.46 14.95 4.66
C TYR A 117 8.88 14.51 4.34
N LYS A 118 9.05 13.30 3.84
CA LYS A 118 10.36 12.76 3.48
C LYS A 118 10.44 12.41 2.00
N GLN A 119 9.63 13.07 1.16
CA GLN A 119 9.59 12.76 -0.26
C GLN A 119 10.17 13.92 -1.07
N GLY A 126 10.02 13.59 -4.85
CA GLY A 126 9.90 14.32 -6.09
C GLY A 126 8.52 14.24 -6.71
N ASP A 127 7.67 13.37 -6.13
CA ASP A 127 6.28 13.21 -6.56
C ASP A 127 5.44 14.30 -5.89
N SER A 128 5.24 15.40 -6.60
CA SER A 128 4.62 16.59 -6.01
C SER A 128 3.18 16.80 -6.44
N SER A 129 2.88 16.61 -7.71
CA SER A 129 1.54 16.83 -8.24
C SER A 129 1.51 16.24 -9.63
N ILE A 130 0.30 15.98 -10.13
CA ILE A 130 0.09 15.47 -11.47
C ILE A 130 -1.15 16.14 -12.04
N PHE A 131 -1.32 16.01 -13.36
CA PHE A 131 -2.47 16.53 -14.08
C PHE A 131 -2.46 15.92 -15.46
N MET A 132 -3.65 15.68 -15.99
CA MET A 132 -3.83 14.74 -17.11
C MET A 132 -4.81 15.30 -18.13
N THR A 133 -4.27 15.66 -19.30
CA THR A 133 -5.07 15.83 -20.49
C THR A 133 -5.88 14.58 -20.79
N SER A 134 -7.14 14.76 -21.15
CA SER A 134 -8.08 13.65 -21.13
C SER A 134 -9.16 13.82 -22.18
N LEU A 135 -9.63 12.69 -22.70
CA LEU A 135 -10.67 12.65 -23.73
C LEU A 135 -11.61 11.49 -23.43
N VAL A 136 -12.90 11.68 -23.70
CA VAL A 136 -13.88 10.62 -23.52
C VAL A 136 -14.88 10.59 -24.67
N PRO A 137 -14.94 9.50 -25.42
CA PRO A 137 -15.93 9.38 -26.49
C PRO A 137 -17.32 9.12 -25.92
N LEU A 138 -18.28 9.94 -26.31
CA LEU A 138 -19.63 9.81 -25.76
C LEU A 138 -20.59 9.03 -26.65
N LYS A 139 -20.59 9.31 -27.96
CA LYS A 139 -21.60 8.71 -28.83
C LYS A 139 -21.08 8.68 -30.27
N LEU A 140 -21.50 7.66 -31.00
CA LEU A 140 -21.24 7.56 -32.43
C LEU A 140 -22.55 7.63 -33.20
N THR A 141 -22.58 8.55 -34.16
CA THR A 141 -23.76 9.00 -34.88
C THR A 141 -23.83 8.46 -36.30
N ALA A 142 -25.02 8.01 -36.69
CA ALA A 142 -25.35 7.68 -38.06
C ALA A 142 -26.72 8.27 -38.37
N ASP A 143 -27.21 7.98 -39.57
CA ASP A 143 -28.44 8.59 -40.07
C ASP A 143 -29.63 8.02 -39.31
N GLY A 144 -29.77 6.70 -39.34
CA GLY A 144 -30.86 6.04 -38.65
C GLY A 144 -30.88 6.36 -37.16
N ASP A 145 -29.70 6.40 -36.54
CA ASP A 145 -29.60 6.78 -35.14
C ASP A 145 -28.13 7.02 -34.81
N THR A 146 -27.92 7.61 -33.64
CA THR A 146 -26.65 7.40 -32.96
C THR A 146 -26.46 5.93 -32.67
N VAL A 147 -25.57 5.30 -33.44
CA VAL A 147 -25.37 3.87 -33.32
C VAL A 147 -24.85 3.51 -31.93
N TRP A 148 -23.82 4.22 -31.47
CA TRP A 148 -23.19 3.89 -30.20
C TRP A 148 -23.42 4.96 -29.16
N VAL A 149 -23.68 4.53 -27.92
CA VAL A 149 -23.76 5.41 -26.77
C VAL A 149 -22.90 4.83 -25.66
N ASN A 150 -22.53 5.68 -24.72
CA ASN A 150 -21.93 5.06 -23.56
C ASN A 150 -22.98 4.78 -22.50
N PRO A 151 -23.01 3.56 -21.97
CA PRO A 151 -23.98 3.26 -20.90
C PRO A 151 -23.76 4.07 -19.63
N LYS A 152 -22.53 4.30 -19.22
CA LYS A 152 -22.22 5.09 -18.02
C LYS A 152 -21.22 6.18 -18.38
N PRO A 153 -21.68 7.20 -19.09
CA PRO A 153 -20.74 8.21 -19.62
C PRO A 153 -19.84 8.83 -18.57
N CYS A 154 -20.40 9.35 -17.49
CA CYS A 154 -19.61 10.04 -16.47
C CYS A 154 -18.65 9.12 -15.73
N SER A 155 -18.81 7.81 -15.87
CA SER A 155 -17.85 6.88 -15.32
C SER A 155 -16.44 7.16 -15.85
N PRO A 156 -15.43 6.89 -15.04
CA PRO A 156 -14.04 7.01 -15.50
C PRO A 156 -13.61 5.93 -16.49
N MET A 157 -14.47 4.94 -16.78
CA MET A 157 -14.11 3.83 -17.66
C MET A 157 -13.70 4.25 -19.06
N TYR A 158 -13.89 5.51 -19.44
CA TYR A 158 -13.59 5.93 -20.81
C TYR A 158 -12.78 7.23 -20.84
N CYS A 159 -12.12 7.58 -19.74
CA CYS A 159 -11.22 8.72 -19.70
C CYS A 159 -9.88 8.33 -20.34
N ARG A 160 -9.93 8.22 -21.65
CA ARG A 160 -8.75 7.94 -22.43
C ARG A 160 -7.73 9.06 -22.22
N PRO A 161 -6.58 8.77 -21.64
CA PRO A 161 -5.58 9.81 -21.40
C PRO A 161 -4.98 10.30 -22.69
N VAL A 162 -4.78 11.61 -22.77
CA VAL A 162 -4.19 12.25 -23.93
C VAL A 162 -2.79 12.76 -23.63
N GLN A 163 -2.57 13.24 -22.41
CA GLN A 163 -1.31 13.75 -21.95
C GLN A 163 -1.36 13.78 -20.43
N PHE A 164 -0.20 13.77 -19.81
CA PHE A 164 -0.08 14.11 -18.40
C PHE A 164 1.34 14.57 -18.14
N SER A 165 1.51 15.24 -17.01
CA SER A 165 2.80 15.84 -16.68
C SER A 165 2.96 15.97 -15.18
N PHE A 166 4.22 15.99 -14.77
CA PHE A 166 4.62 16.20 -13.38
C PHE A 166 4.92 17.68 -13.16
N VAL A 167 3.86 18.48 -13.17
CA VAL A 167 3.99 19.92 -12.93
C VAL A 167 2.87 20.38 -12.01
N LYS A 168 3.21 21.25 -11.07
CA LYS A 168 2.22 21.89 -10.20
C LYS A 168 1.22 22.67 -11.03
N GLU A 169 -0.01 22.69 -10.55
CA GLU A 169 -1.08 23.38 -11.28
C GLU A 169 -0.93 24.89 -11.20
N THR A 170 0.03 25.43 -11.95
CA THR A 170 0.23 26.85 -12.09
C THR A 170 -0.40 27.31 -13.40
N LYS A 171 -1.23 28.35 -13.32
CA LYS A 171 -2.09 28.72 -14.43
C LYS A 171 -1.33 28.98 -15.73
N ASP A 172 -0.05 29.32 -15.66
CA ASP A 172 0.76 29.52 -16.87
C ASP A 172 0.78 28.29 -17.77
N VAL A 173 1.33 27.19 -17.27
CA VAL A 173 1.35 25.97 -18.05
C VAL A 173 -0.06 25.46 -18.34
N VAL A 174 -1.03 25.87 -17.54
CA VAL A 174 -2.42 25.59 -17.87
C VAL A 174 -2.82 26.25 -19.18
N ILE A 175 -2.54 27.54 -19.33
CA ILE A 175 -2.82 28.18 -20.61
C ILE A 175 -1.96 27.61 -21.72
N ASN A 176 -0.76 27.13 -21.39
CA ASN A 176 0.09 26.57 -22.44
C ASN A 176 -0.50 25.29 -23.02
N GLU A 177 -0.93 24.38 -22.15
CA GLU A 177 -1.59 23.18 -22.62
C GLU A 177 -2.93 23.51 -23.27
N LYS A 178 -3.64 24.49 -22.72
CA LYS A 178 -4.86 24.97 -23.34
C LYS A 178 -4.64 25.32 -24.80
N THR A 179 -3.71 26.25 -25.04
CA THR A 179 -3.36 26.63 -26.39
C THR A 179 -2.93 25.44 -27.26
N ALA A 180 -2.09 24.55 -26.72
CA ALA A 180 -1.67 23.38 -27.47
C ALA A 180 -2.85 22.54 -27.97
N MET A 181 -3.70 22.13 -27.05
CA MET A 181 -4.90 21.38 -27.42
C MET A 181 -5.79 22.17 -28.39
N ASP A 182 -5.86 23.48 -28.21
CA ASP A 182 -6.59 24.30 -29.17
C ASP A 182 -5.93 24.38 -30.53
N ASP A 183 -4.63 24.13 -30.62
CA ASP A 183 -4.05 23.90 -31.94
C ASP A 183 -4.46 22.55 -32.48
N GLU A 184 -4.59 21.58 -31.61
CA GLU A 184 -4.82 20.22 -32.09
C GLU A 184 -6.27 19.93 -32.43
N ILE A 185 -7.22 20.71 -31.91
CA ILE A 185 -8.63 20.48 -32.22
C ILE A 185 -8.87 20.44 -33.72
N GLU A 186 -8.42 21.46 -34.43
CA GLU A 186 -8.57 21.49 -35.89
C GLU A 186 -7.53 20.62 -36.59
N ALA A 187 -6.50 20.19 -35.89
CA ALA A 187 -5.40 19.43 -36.47
C ALA A 187 -5.77 17.98 -36.82
N LEU A 188 -7.04 17.59 -36.68
CA LEU A 188 -7.47 16.24 -37.02
C LEU A 188 -7.94 16.14 -38.47
N VAL A 189 -7.68 14.99 -39.07
CA VAL A 189 -8.40 14.55 -40.26
C VAL A 189 -9.38 13.46 -39.84
N PRO A 190 -10.60 13.43 -40.41
CA PRO A 190 -11.53 12.33 -40.10
C PRO A 190 -10.92 10.94 -40.12
N SER A 191 -11.39 10.10 -39.19
CA SER A 191 -10.92 8.73 -39.07
C SER A 191 -11.29 7.90 -40.30
N LYS A 192 -10.33 7.12 -40.78
CA LYS A 192 -10.53 6.21 -41.90
C LYS A 192 -10.15 4.81 -41.45
N CYS A 193 -11.16 3.98 -41.20
CA CYS A 193 -10.90 2.58 -40.90
C CYS A 193 -12.16 1.77 -41.18
N GLN A 194 -11.94 0.48 -41.40
CA GLN A 194 -13.02 -0.48 -41.56
C GLN A 194 -13.82 -0.15 -42.82
N GLY A 195 -13.12 0.33 -43.84
CA GLY A 195 -13.77 0.77 -45.05
C GLY A 195 -14.70 1.93 -44.83
N HIS A 196 -14.48 2.71 -43.78
CA HIS A 196 -15.42 3.77 -43.43
C HIS A 196 -14.68 5.04 -43.05
N GLU A 197 -15.24 6.16 -43.48
CA GLU A 197 -14.85 7.47 -43.00
C GLU A 197 -15.79 7.91 -41.89
N ILE A 198 -15.22 8.52 -40.84
CA ILE A 198 -15.99 9.04 -39.73
C ILE A 198 -15.31 10.30 -39.23
N SER A 199 -15.97 11.44 -39.39
CA SER A 199 -15.45 12.68 -38.86
C SER A 199 -15.63 12.74 -37.35
N HIS A 200 -15.07 13.77 -36.74
CA HIS A 200 -15.02 13.90 -35.29
C HIS A 200 -15.57 15.24 -34.85
N LYS A 201 -15.91 15.33 -33.57
CA LYS A 201 -16.37 16.58 -32.99
C LYS A 201 -16.19 16.52 -31.48
N LEU A 202 -15.72 17.62 -30.91
CA LEU A 202 -15.31 17.65 -29.53
C LEU A 202 -16.03 18.76 -28.77
N MET A 203 -16.13 18.58 -27.45
CA MET A 203 -16.58 19.63 -26.56
C MET A 203 -15.67 19.69 -25.34
N MET A 204 -15.13 20.87 -25.07
CA MET A 204 -14.25 21.09 -23.93
C MET A 204 -15.04 21.38 -22.67
N THR A 205 -15.34 20.34 -21.91
CA THR A 205 -16.10 20.49 -20.68
C THR A 205 -15.47 19.81 -19.49
N MET A 206 -14.45 18.97 -19.69
CA MET A 206 -13.90 18.15 -18.63
C MET A 206 -12.94 18.98 -17.80
N ILE A 207 -13.54 19.86 -17.01
CA ILE A 207 -12.85 20.92 -16.28
C ILE A 207 -13.03 20.64 -14.79
N ASP A 208 -12.04 21.05 -13.99
CA ASP A 208 -12.11 20.82 -12.54
C ASP A 208 -13.08 21.76 -11.86
N GLY A 209 -13.11 23.04 -12.25
CA GLY A 209 -13.91 24.00 -11.53
C GLY A 209 -13.16 25.27 -11.20
N LYS A 210 -11.90 25.36 -11.59
CA LYS A 210 -11.08 26.54 -11.36
C LYS A 210 -10.42 27.03 -12.63
N ILE A 211 -10.48 26.27 -13.71
CA ILE A 211 -9.71 26.59 -14.90
C ILE A 211 -10.41 27.65 -15.73
N CYS A 212 -11.74 27.74 -15.68
CA CYS A 212 -12.39 28.85 -16.37
C CYS A 212 -12.25 30.14 -15.58
N THR A 213 -12.07 30.06 -14.27
CA THR A 213 -11.66 31.24 -13.54
C THR A 213 -10.21 31.58 -13.84
N TYR A 214 -9.42 30.58 -14.19
CA TYR A 214 -8.08 30.84 -14.67
C TYR A 214 -8.06 31.50 -16.04
N LEU A 215 -8.87 31.00 -16.96
CA LEU A 215 -8.75 31.35 -18.36
C LEU A 215 -9.75 32.39 -18.83
N SER A 216 -10.96 32.41 -18.28
CA SER A 216 -12.01 33.35 -18.63
C SER A 216 -12.21 34.39 -17.53
N GLU A 217 -11.13 34.71 -16.82
CA GLU A 217 -11.12 35.69 -15.74
C GLU A 217 -11.49 37.10 -16.20
N ALA A 218 -11.68 37.31 -17.50
CA ALA A 218 -12.07 38.62 -18.01
C ALA A 218 -13.34 39.19 -17.38
N LYS A 219 -14.13 38.39 -16.66
CA LYS A 219 -15.25 38.96 -15.90
C LYS A 219 -14.77 39.68 -14.66
N SER A 220 -14.04 38.98 -13.79
CA SER A 220 -13.42 39.57 -12.58
C SER A 220 -14.44 40.32 -11.72
N ASN A 221 -15.71 39.89 -11.77
CA ASN A 221 -16.81 40.57 -11.09
C ASN A 221 -16.98 42.01 -11.57
N ALA A 222 -16.55 42.30 -12.80
CA ALA A 222 -16.58 43.67 -13.30
C ALA A 222 -18.01 44.19 -13.42
N ALA A 223 -18.82 43.53 -14.24
CA ALA A 223 -20.18 43.99 -14.50
C ALA A 223 -20.96 42.86 -15.14
N CYS A 224 -22.27 43.08 -15.31
CA CYS A 224 -23.18 42.13 -15.91
C CYS A 224 -23.72 42.69 -17.21
N TYR A 225 -23.50 41.96 -18.31
CA TYR A 225 -23.72 42.51 -19.65
C TYR A 225 -25.17 42.89 -19.85
N LEU A 226 -26.09 41.96 -19.60
CA LEU A 226 -27.50 42.27 -19.73
C LEU A 226 -27.92 43.37 -18.76
N CYS A 227 -27.33 43.37 -17.56
CA CYS A 227 -27.73 44.33 -16.55
C CYS A 227 -27.35 45.74 -16.96
N LEU A 228 -26.11 45.93 -17.40
CA LEU A 228 -25.58 47.24 -17.76
C LEU A 228 -25.61 48.18 -16.55
N TYR A 250 -25.29 33.78 -22.86
CA TYR A 250 -24.20 33.38 -23.73
C TYR A 250 -23.08 32.72 -22.92
N GLU A 251 -22.32 33.54 -22.19
CA GLU A 251 -21.37 33.00 -21.22
C GLU A 251 -22.15 32.30 -20.11
N PHE A 252 -22.01 30.98 -20.01
CA PHE A 252 -22.89 30.21 -19.15
C PHE A 252 -22.55 30.42 -17.68
N GLY A 253 -21.30 30.13 -17.30
CA GLY A 253 -20.93 30.08 -15.90
C GLY A 253 -21.40 28.81 -15.23
N LEU A 254 -22.54 28.30 -15.67
CA LEU A 254 -23.05 27.02 -15.21
C LEU A 254 -22.42 25.87 -15.97
N SER A 255 -21.99 26.13 -17.19
CA SER A 255 -21.31 25.18 -18.05
C SER A 255 -19.81 25.42 -18.03
N THR A 256 -19.34 26.39 -17.25
CA THR A 256 -17.93 26.65 -17.05
C THR A 256 -17.74 26.78 -15.55
N LEU A 257 -17.32 25.67 -14.94
CA LEU A 257 -17.06 25.46 -13.51
C LEU A 257 -18.35 25.42 -12.71
N HIS A 258 -19.51 25.43 -13.37
CA HIS A 258 -20.82 25.41 -12.76
C HIS A 258 -21.08 26.62 -11.86
N ALA A 259 -20.22 27.63 -11.88
CA ALA A 259 -20.34 28.84 -11.07
C ALA A 259 -20.40 28.54 -9.56
N ARG A 260 -19.92 27.38 -9.15
CA ARG A 260 -19.99 27.00 -7.75
C ARG A 260 -19.06 27.84 -6.89
N ILE A 261 -17.79 27.88 -7.28
CA ILE A 261 -16.75 28.51 -6.47
C ILE A 261 -17.02 29.99 -6.25
N ASN A 262 -17.58 30.68 -7.25
CA ASN A 262 -17.89 32.11 -7.08
C ASN A 262 -18.93 32.34 -5.98
N VAL A 263 -19.99 31.55 -5.94
CA VAL A 263 -21.04 31.79 -4.95
C VAL A 263 -20.54 31.48 -3.54
N MET A 264 -19.85 30.37 -3.37
CA MET A 264 -19.27 30.05 -2.07
C MET A 264 -18.20 31.06 -1.65
N GLU A 265 -17.44 31.56 -2.62
CA GLU A 265 -16.41 32.55 -2.30
C GLU A 265 -17.02 33.87 -1.86
N CYS A 266 -18.05 34.34 -2.56
CA CYS A 266 -18.69 35.59 -2.16
C CYS A 266 -19.46 35.46 -0.84
N LEU A 267 -20.06 34.30 -0.57
CA LEU A 267 -20.71 34.14 0.72
C LEU A 267 -19.73 33.98 1.87
N LEU A 268 -18.55 33.40 1.64
CA LEU A 268 -17.55 33.41 2.69
C LEU A 268 -16.88 34.76 2.83
N HIS A 269 -16.77 35.53 1.75
CA HIS A 269 -16.42 36.94 1.86
C HIS A 269 -17.43 37.67 2.72
N ILE A 270 -18.71 37.33 2.61
CA ILE A 270 -19.69 37.81 3.56
C ILE A 270 -19.37 37.32 4.96
N ALA A 271 -19.00 36.03 5.09
CA ALA A 271 -18.57 35.52 6.39
C ALA A 271 -17.32 36.23 6.87
N TYR A 272 -16.46 36.68 5.95
CA TYR A 272 -15.38 37.58 6.34
C TYR A 272 -15.94 38.85 6.96
N ARG A 273 -16.99 39.39 6.37
CA ARG A 273 -17.54 40.68 6.76
C ARG A 273 -18.77 40.52 7.64
N LEU A 274 -18.88 39.39 8.34
CA LEU A 274 -20.00 39.04 9.21
C LEU A 274 -19.92 39.67 10.60
N ASP A 275 -18.98 40.57 10.85
CA ASP A 275 -18.92 41.27 12.12
C ASP A 275 -19.61 42.61 12.04
N PHE A 276 -19.28 43.39 11.00
CA PHE A 276 -19.86 44.71 10.79
C PHE A 276 -21.03 44.68 9.83
N LYS A 277 -21.09 43.68 8.95
CA LYS A 277 -22.12 43.60 7.91
C LYS A 277 -22.18 44.91 7.11
N LYS A 278 -21.02 45.26 6.57
CA LYS A 278 -20.84 46.50 5.83
C LYS A 278 -19.96 46.19 4.64
N TRP A 279 -20.08 46.99 3.58
CA TRP A 279 -19.28 46.70 2.40
C TRP A 279 -17.79 46.86 2.66
N SER A 280 -17.39 48.01 3.21
CA SER A 280 -15.98 48.32 3.39
C SER A 280 -15.54 48.20 4.85
N ALA A 281 -14.29 47.78 5.01
CA ALA A 281 -13.62 47.77 6.30
C ALA A 281 -12.21 48.31 6.18
N ARG A 282 -11.88 48.95 5.04
CA ARG A 282 -10.51 49.12 4.59
C ARG A 282 -9.61 49.79 5.62
N GLY A 283 -9.93 51.00 6.02
CA GLY A 283 -8.97 51.69 6.87
C GLY A 283 -8.89 51.19 8.28
N GLU A 284 -7.92 50.31 8.53
CA GLU A 284 -7.33 50.02 9.82
C GLU A 284 -8.32 49.88 10.98
N GLY A 285 -9.57 49.52 10.69
CA GLY A 285 -10.55 49.56 11.75
C GLY A 285 -11.01 48.14 12.07
N HIS A 286 -10.82 47.26 11.10
CA HIS A 286 -11.43 45.93 11.15
C HIS A 286 -10.45 44.84 10.76
N GLN A 287 -9.29 45.17 10.20
CA GLN A 287 -8.38 44.19 9.64
C GLN A 287 -7.94 43.15 10.66
N GLU A 288 -7.56 43.61 11.85
CA GLU A 288 -7.10 42.73 12.93
C GLU A 288 -8.17 41.75 13.39
N LEU A 289 -9.36 42.25 13.73
CA LEU A 289 -10.39 41.36 14.23
C LEU A 289 -10.98 40.51 13.12
N LEU A 290 -11.01 41.02 11.89
CA LEU A 290 -11.30 40.22 10.72
C LEU A 290 -10.37 39.04 10.58
N HIS A 291 -9.06 39.29 10.64
CA HIS A 291 -8.05 38.24 10.58
C HIS A 291 -8.24 37.21 11.68
N SER A 292 -8.43 37.69 12.92
CA SER A 292 -8.59 36.75 14.04
C SER A 292 -9.90 35.98 13.97
N ARG A 293 -10.96 36.60 13.47
CA ARG A 293 -12.24 35.91 13.26
C ARG A 293 -12.15 34.84 12.19
N LYS A 294 -11.49 35.13 11.07
CA LYS A 294 -11.29 34.10 10.06
C LYS A 294 -10.36 33.01 10.54
N LYS A 295 -9.36 33.37 11.36
CA LYS A 295 -8.54 32.37 12.02
C LYS A 295 -9.39 31.40 12.84
N LEU A 296 -10.29 31.92 13.67
CA LEU A 296 -11.11 31.02 14.49
C LEU A 296 -12.16 30.28 13.66
N ILE A 297 -12.64 30.86 12.55
CA ILE A 297 -13.49 30.10 11.63
C ILE A 297 -12.73 28.94 11.00
N GLN A 298 -11.50 29.21 10.57
CA GLN A 298 -10.67 28.15 9.99
C GLN A 298 -10.37 27.07 11.02
N ASP A 299 -10.12 27.47 12.27
CA ASP A 299 -9.92 26.50 13.35
C ASP A 299 -11.15 25.62 13.54
N ARG A 300 -12.31 26.23 13.82
CA ARG A 300 -13.52 25.44 14.05
C ARG A 300 -13.87 24.56 12.86
N PHE A 301 -13.61 25.02 11.63
CA PHE A 301 -13.84 24.16 10.48
C PHE A 301 -12.83 23.04 10.36
N LYS A 302 -11.59 23.24 10.83
CA LYS A 302 -10.67 22.12 10.94
C LYS A 302 -11.17 21.12 11.97
N ASP A 303 -11.80 21.59 13.03
CA ASP A 303 -12.39 20.69 14.00
C ASP A 303 -13.61 19.95 13.43
N ASP A 304 -14.38 20.61 12.56
CA ASP A 304 -15.69 20.09 12.17
C ASP A 304 -15.62 19.06 11.04
N LEU A 305 -15.01 19.42 9.92
CA LEU A 305 -15.08 18.59 8.72
C LEU A 305 -13.75 18.10 8.19
N ASN A 306 -12.65 18.39 8.89
CA ASN A 306 -11.30 18.25 8.32
C ASN A 306 -11.19 19.11 7.07
N LEU A 307 -11.70 20.33 7.15
CA LEU A 307 -11.51 21.31 6.09
C LEU A 307 -10.05 21.76 6.08
N LEU A 308 -9.38 21.46 4.97
CA LEU A 308 -7.97 21.78 4.85
C LEU A 308 -7.75 23.29 4.94
N ILE A 309 -6.55 23.65 5.41
CA ILE A 309 -6.19 25.03 5.71
C ILE A 309 -6.49 25.97 4.54
N ASP A 310 -7.08 27.12 4.87
CA ASP A 310 -7.48 28.12 3.89
C ASP A 310 -6.51 29.29 3.78
N ILE A 311 -5.74 29.55 4.81
CA ILE A 311 -4.62 30.49 4.79
C ILE A 311 -3.44 29.89 4.03
N VAL A 312 -3.61 28.65 3.56
CA VAL A 312 -2.64 28.08 2.62
C VAL A 312 -2.34 29.05 1.50
N LYS A 313 -1.05 29.12 1.13
CA LYS A 313 -0.46 30.19 0.34
C LYS A 313 -1.31 30.58 -0.87
N GLN A 314 -1.28 29.74 -1.90
CA GLN A 314 -2.09 29.87 -3.10
C GLN A 314 -2.02 31.26 -3.73
N GLY A 315 -0.96 32.01 -3.47
CA GLY A 315 -0.90 33.40 -3.89
C GLY A 315 -1.85 34.36 -3.19
N SER A 316 -2.00 34.24 -1.87
CA SER A 316 -2.84 35.09 -1.04
C SER A 316 -4.32 34.95 -1.33
N GLY A 317 -4.72 33.95 -2.12
CA GLY A 317 -6.11 33.74 -2.43
C GLY A 317 -6.51 32.35 -2.00
N THR A 318 -7.64 32.21 -1.30
CA THR A 318 -8.07 30.90 -0.83
C THR A 318 -9.03 30.24 -1.82
N THR A 319 -8.56 29.19 -2.48
CA THR A 319 -9.45 28.23 -3.13
C THR A 319 -8.82 26.86 -2.92
N ASN A 320 -9.32 26.14 -1.90
CA ASN A 320 -8.72 24.88 -1.48
C ASN A 320 -9.33 23.67 -2.17
N ASP A 321 -10.66 23.58 -2.19
CA ASP A 321 -11.32 22.36 -2.65
C ASP A 321 -12.70 22.70 -3.17
N GLY A 322 -13.01 22.21 -4.36
CA GLY A 322 -14.30 22.45 -4.98
C GLY A 322 -15.31 21.42 -4.52
N ASN A 323 -14.82 20.23 -4.21
CA ASN A 323 -15.67 19.23 -3.56
C ASN A 323 -16.09 19.69 -2.17
N THR A 324 -15.19 20.33 -1.43
CA THR A 324 -15.61 20.97 -0.18
C THR A 324 -16.57 22.13 -0.43
N ALA A 325 -16.35 22.87 -1.52
CA ALA A 325 -17.32 23.88 -1.92
C ALA A 325 -18.70 23.31 -2.08
N ARG A 326 -18.80 22.13 -2.70
CA ARG A 326 -20.08 21.41 -2.75
C ARG A 326 -20.53 21.02 -1.35
N ARG A 327 -19.62 20.48 -0.55
CA ARG A 327 -19.96 20.06 0.82
C ARG A 327 -20.39 21.23 1.70
N PHE A 328 -20.22 22.48 1.25
CA PHE A 328 -20.89 23.58 1.93
C PHE A 328 -22.41 23.48 1.80
N PHE A 329 -22.92 22.78 0.79
CA PHE A 329 -24.35 22.82 0.51
C PHE A 329 -25.08 21.53 0.84
N GLU A 330 -24.38 20.47 1.23
CA GLU A 330 -25.02 19.28 1.77
C GLU A 330 -25.07 19.31 3.29
N PHE A 331 -24.70 20.44 3.90
CA PHE A 331 -24.85 20.66 5.33
C PHE A 331 -25.54 22.01 5.52
N PRO A 332 -26.64 22.27 4.77
CA PRO A 332 -27.09 23.65 4.54
C PRO A 332 -27.38 24.34 5.84
N ASP A 333 -28.27 23.72 6.61
CA ASP A 333 -28.60 24.24 7.93
C ASP A 333 -27.38 24.24 8.84
N LYS A 334 -26.54 23.21 8.74
CA LYS A 334 -25.38 23.10 9.61
C LYS A 334 -24.38 24.23 9.41
N THR A 335 -23.83 24.36 8.21
CA THR A 335 -22.86 25.43 7.98
C THR A 335 -23.51 26.80 7.90
N ALA A 336 -24.79 26.89 7.57
CA ALA A 336 -25.47 28.18 7.65
C ALA A 336 -25.72 28.60 9.09
N ALA A 337 -25.78 27.65 10.03
CA ALA A 337 -25.75 27.98 11.45
C ALA A 337 -24.34 28.36 11.89
N ILE A 338 -23.34 27.62 11.39
CA ILE A 338 -21.95 27.92 11.74
C ILE A 338 -21.58 29.33 11.30
N THR A 339 -22.02 29.73 10.11
CA THR A 339 -21.86 31.10 9.64
C THR A 339 -23.00 32.01 10.07
N GLY A 340 -24.05 31.47 10.68
CA GLY A 340 -25.12 32.30 11.18
C GLY A 340 -25.93 33.01 10.13
N LEU A 341 -25.60 32.83 8.85
CA LEU A 341 -26.48 33.33 7.81
C LEU A 341 -27.83 32.63 7.89
N ASP A 342 -28.84 33.27 7.33
CA ASP A 342 -30.13 32.61 7.24
C ASP A 342 -29.97 31.30 6.50
N GLU A 343 -30.22 30.20 7.23
CA GLU A 343 -30.14 28.88 6.63
C GLU A 343 -31.14 28.71 5.50
N ASP A 344 -32.28 29.38 5.60
CA ASP A 344 -33.31 29.29 4.58
C ASP A 344 -32.83 29.81 3.23
N LEU A 345 -32.22 31.00 3.21
CA LEU A 345 -31.77 31.61 1.95
C LEU A 345 -30.72 30.78 1.22
N ILE A 346 -29.64 30.43 1.92
CA ILE A 346 -28.62 29.60 1.29
C ILE A 346 -29.15 28.21 0.98
N ARG A 347 -30.14 27.76 1.72
CA ARG A 347 -30.85 26.56 1.32
C ARG A 347 -31.58 26.74 -0.01
N ARG A 348 -32.24 27.90 -0.19
CA ARG A 348 -32.82 28.21 -1.50
C ARG A 348 -31.78 28.19 -2.60
N PHE A 349 -30.62 28.78 -2.36
CA PHE A 349 -29.61 28.85 -3.41
C PHE A 349 -29.00 27.48 -3.68
N SER A 350 -28.80 26.68 -2.63
CA SER A 350 -28.35 25.31 -2.82
C SER A 350 -29.34 24.54 -3.67
N VAL A 351 -30.62 24.76 -3.42
CA VAL A 351 -31.66 24.18 -4.27
C VAL A 351 -31.53 24.63 -5.71
N ILE A 352 -31.44 25.93 -5.95
CA ILE A 352 -31.39 26.42 -7.33
C ILE A 352 -30.11 25.99 -8.04
N LEU A 353 -29.02 25.77 -7.30
CA LEU A 353 -27.79 25.29 -7.91
C LEU A 353 -27.88 23.82 -8.26
N GLN A 354 -28.27 22.97 -7.30
CA GLN A 354 -28.49 21.56 -7.57
C GLN A 354 -29.66 21.30 -8.53
N ALA A 355 -30.48 22.31 -8.80
CA ALA A 355 -31.60 22.16 -9.72
C ALA A 355 -31.24 22.30 -11.19
N ILE A 356 -30.04 22.77 -11.55
CA ILE A 356 -29.69 22.97 -12.94
C ILE A 356 -28.77 21.87 -13.47
N THR A 357 -27.65 21.62 -12.79
CA THR A 357 -26.67 20.66 -13.29
C THR A 357 -27.25 19.25 -13.37
N SER A 358 -28.26 18.94 -12.56
CA SER A 358 -28.99 17.70 -12.75
C SER A 358 -29.66 17.62 -14.11
N GLY A 359 -29.82 18.75 -14.79
CA GLY A 359 -30.24 18.72 -16.18
C GLY A 359 -31.70 18.42 -16.41
N GLU A 360 -32.49 18.30 -15.36
CA GLU A 360 -33.90 18.04 -15.50
C GLU A 360 -34.60 19.23 -16.16
N ILE A 361 -35.79 18.96 -16.70
CA ILE A 361 -36.62 20.03 -17.23
C ILE A 361 -37.00 20.99 -16.10
N ILE A 362 -36.75 22.28 -16.30
CA ILE A 362 -37.09 23.32 -15.33
C ILE A 362 -38.16 24.21 -15.96
N ASP A 363 -39.23 24.45 -15.21
CA ASP A 363 -40.29 25.33 -15.68
C ASP A 363 -39.77 26.77 -15.72
N VAL A 364 -39.82 27.37 -16.91
CA VAL A 364 -39.31 28.72 -17.15
C VAL A 364 -39.95 29.72 -16.20
N PRO A 365 -41.27 29.92 -16.21
CA PRO A 365 -41.83 31.00 -15.38
C PRO A 365 -41.75 30.73 -13.89
N LYS A 366 -41.95 29.48 -13.46
CA LYS A 366 -41.92 29.18 -12.03
C LYS A 366 -40.53 29.38 -11.43
N PHE A 367 -39.50 28.83 -12.08
CA PHE A 367 -38.15 29.06 -11.58
C PHE A 367 -37.74 30.52 -11.74
N LYS A 368 -38.18 31.17 -12.81
CA LYS A 368 -37.97 32.60 -12.96
C LYS A 368 -38.48 33.38 -11.75
N GLU A 369 -39.77 33.25 -11.47
CA GLU A 369 -40.36 33.99 -10.36
C GLU A 369 -39.90 33.50 -8.99
N TYR A 370 -39.43 32.26 -8.87
CA TYR A 370 -38.74 31.86 -7.65
C TYR A 370 -37.39 32.54 -7.51
N ALA A 371 -36.67 32.70 -8.64
CA ALA A 371 -35.48 33.53 -8.63
C ALA A 371 -35.83 34.95 -8.26
N ARG A 372 -36.99 35.43 -8.68
CA ARG A 372 -37.48 36.74 -8.26
C ARG A 372 -37.69 36.81 -6.74
N THR A 373 -38.37 35.85 -6.16
CA THR A 373 -38.61 35.87 -4.72
C THR A 373 -37.32 35.72 -3.90
N THR A 374 -36.48 34.75 -4.28
CA THR A 374 -35.18 34.61 -3.62
C THR A 374 -34.31 35.83 -3.83
N ALA A 375 -34.46 36.54 -4.95
CA ALA A 375 -33.78 37.81 -5.12
C ALA A 375 -34.35 38.89 -4.21
N GLU A 376 -35.67 38.91 -4.05
CA GLU A 376 -36.29 39.81 -3.09
C GLU A 376 -35.62 39.67 -1.74
N LYS A 377 -35.52 38.44 -1.27
CA LYS A 377 -34.95 38.21 0.05
C LYS A 377 -33.43 38.39 0.06
N TYR A 378 -32.74 37.99 -1.00
CA TYR A 378 -31.30 38.19 -1.09
C TYR A 378 -30.94 39.66 -1.04
N VAL A 379 -31.52 40.46 -1.93
CA VAL A 379 -31.20 41.88 -1.98
C VAL A 379 -31.73 42.61 -0.75
N GLU A 380 -32.81 42.13 -0.13
CA GLU A 380 -33.32 42.82 1.06
C GLU A 380 -32.44 42.55 2.27
N LEU A 381 -32.30 41.29 2.63
CA LEU A 381 -31.62 40.93 3.87
C LEU A 381 -30.15 41.25 3.85
N TYR A 382 -29.61 41.65 2.71
CA TYR A 382 -28.20 42.01 2.59
C TYR A 382 -28.09 43.20 1.66
N ASP A 383 -27.76 44.36 2.20
CA ASP A 383 -27.61 45.58 1.43
C ASP A 383 -26.18 46.10 1.37
N TRP A 384 -25.39 45.82 2.40
CA TRP A 384 -24.05 46.35 2.58
C TRP A 384 -23.09 45.95 1.47
N TYR A 385 -22.82 44.66 1.34
CA TYR A 385 -21.98 44.15 0.27
C TYR A 385 -22.69 44.27 -1.07
N TYR A 386 -21.94 44.01 -2.13
CA TYR A 386 -22.48 43.99 -3.49
C TYR A 386 -22.61 42.55 -3.96
N MET A 387 -23.53 42.34 -4.88
CA MET A 387 -23.67 41.04 -5.50
C MET A 387 -22.48 40.74 -6.41
N SER A 388 -22.04 39.49 -6.38
CA SER A 388 -21.01 39.01 -7.30
C SER A 388 -21.59 38.86 -8.70
N SER A 389 -20.71 38.49 -9.63
CA SER A 389 -21.07 38.34 -11.04
C SER A 389 -22.15 37.29 -11.28
N THR A 390 -21.84 36.02 -11.02
CA THR A 390 -22.71 34.94 -11.46
C THR A 390 -24.00 34.89 -10.67
N VAL A 391 -23.99 35.33 -9.42
CA VAL A 391 -25.23 35.40 -8.66
C VAL A 391 -26.24 36.29 -9.37
N HIS A 392 -25.92 37.57 -9.56
CA HIS A 392 -26.80 38.45 -10.30
C HIS A 392 -27.10 37.94 -11.70
N LYS A 393 -26.09 37.44 -12.40
CA LYS A 393 -26.35 36.79 -13.68
C LYS A 393 -27.47 35.76 -13.59
N LEU A 394 -27.57 35.06 -12.47
CA LEU A 394 -28.71 34.20 -12.25
C LEU A 394 -29.98 34.98 -11.90
N LEU A 395 -29.85 35.94 -10.98
CA LEU A 395 -30.99 36.61 -10.36
C LEU A 395 -31.98 37.22 -11.36
N ILE A 396 -31.59 38.33 -11.98
CA ILE A 396 -32.48 38.95 -12.94
C ILE A 396 -32.39 38.21 -14.26
N HIS A 397 -31.21 37.71 -14.55
CA HIS A 397 -30.78 37.36 -15.88
C HIS A 397 -30.79 35.86 -16.14
N GLY A 398 -30.65 35.03 -15.11
CA GLY A 398 -30.34 33.64 -15.34
C GLY A 398 -31.48 32.84 -15.93
N GLY A 399 -32.70 33.06 -15.44
CA GLY A 399 -33.87 32.35 -15.93
C GLY A 399 -34.13 32.39 -17.42
N ASP A 400 -34.22 33.59 -17.98
CA ASP A 400 -34.41 33.71 -19.42
C ASP A 400 -33.22 33.12 -20.17
N ILE A 401 -32.03 33.22 -19.60
CA ILE A 401 -30.89 32.52 -20.19
C ILE A 401 -31.13 31.01 -20.18
N ILE A 402 -31.76 30.49 -19.11
CA ILE A 402 -32.09 29.06 -19.06
C ILE A 402 -33.14 28.71 -20.10
N ALA A 403 -33.96 29.69 -20.48
CA ALA A 403 -34.98 29.44 -21.50
C ALA A 403 -34.38 29.00 -22.82
N GLU A 404 -33.51 29.81 -23.42
CA GLU A 404 -32.87 29.49 -24.69
C GLU A 404 -31.44 28.99 -24.55
N ASN A 405 -31.04 28.62 -23.34
CA ASN A 405 -29.69 28.15 -23.06
C ASN A 405 -29.31 26.92 -23.87
N ALA A 406 -28.00 26.75 -24.00
CA ALA A 406 -27.36 25.50 -24.37
C ALA A 406 -26.87 24.75 -23.14
N ILE A 407 -27.66 24.79 -22.06
CA ILE A 407 -27.37 24.04 -20.85
C ILE A 407 -27.19 22.55 -21.19
N VAL A 408 -26.02 22.03 -20.88
CA VAL A 408 -25.68 20.61 -21.05
C VAL A 408 -25.03 20.13 -19.76
N PRO A 409 -25.43 18.99 -19.20
CA PRO A 409 -24.72 18.45 -18.04
C PRO A 409 -23.25 18.24 -18.38
N ILE A 410 -22.40 19.02 -17.72
CA ILE A 410 -21.02 19.16 -18.16
C ILE A 410 -20.30 17.82 -18.10
N GLY A 411 -19.63 17.49 -19.20
CA GLY A 411 -18.99 16.21 -19.40
C GLY A 411 -17.80 15.96 -18.53
N SER A 412 -17.40 16.93 -17.72
CA SER A 412 -16.41 16.70 -16.67
C SER A 412 -16.71 15.43 -15.89
N LEU A 413 -15.72 14.54 -15.86
CA LEU A 413 -15.82 13.27 -15.14
C LEU A 413 -16.21 13.50 -13.69
N SER A 414 -16.97 12.55 -13.15
CA SER A 414 -17.49 12.67 -11.80
C SER A 414 -16.37 12.91 -10.80
N GLU A 415 -16.73 13.58 -9.70
CA GLU A 415 -15.79 13.74 -8.60
C GLU A 415 -15.34 12.39 -8.05
N GLU A 416 -16.25 11.43 -8.02
CA GLU A 416 -15.90 10.05 -7.75
C GLU A 416 -14.94 9.52 -8.80
N ALA A 417 -15.21 9.80 -10.07
CA ALA A 417 -14.35 9.37 -11.14
C ALA A 417 -12.95 9.93 -11.01
N SER A 418 -12.83 11.26 -10.91
CA SER A 418 -11.53 11.88 -10.72
C SER A 418 -10.81 11.39 -9.46
N GLU A 419 -11.55 11.20 -8.37
CA GLU A 419 -10.93 10.70 -7.15
C GLU A 419 -10.38 9.29 -7.32
N ALA A 420 -11.20 8.37 -7.83
CA ALA A 420 -10.70 7.03 -8.14
C ALA A 420 -9.57 7.06 -9.17
N ARG A 421 -9.57 8.03 -10.06
CA ARG A 421 -8.47 8.18 -11.00
C ARG A 421 -7.18 8.53 -10.31
N ASN A 422 -7.22 9.51 -9.41
CA ASN A 422 -6.03 9.79 -8.60
C ASN A 422 -5.63 8.58 -7.77
N LYS A 423 -6.62 7.86 -7.25
CA LYS A 423 -6.34 6.67 -6.46
C LYS A 423 -5.56 5.63 -7.26
N ASP A 424 -6.09 5.25 -8.41
CA ASP A 424 -5.39 4.30 -9.26
C ASP A 424 -4.08 4.86 -9.75
N PHE A 425 -3.99 6.16 -9.94
CA PHE A 425 -2.75 6.71 -10.45
C PHE A 425 -1.65 6.51 -9.42
N ARG A 426 -1.92 6.92 -8.18
CA ARG A 426 -1.03 6.66 -7.07
C ARG A 426 -0.63 5.19 -7.00
N ARG A 427 -1.62 4.30 -7.06
CA ARG A 427 -1.32 2.87 -6.94
C ARG A 427 -0.51 2.34 -8.12
N PHE A 428 -0.93 2.65 -9.34
CA PHE A 428 -0.19 2.26 -10.53
C PHE A 428 1.25 2.69 -10.46
N ARG A 429 1.48 3.94 -10.11
CA ARG A 429 2.84 4.39 -9.89
C ARG A 429 3.51 3.65 -8.76
N GLU A 430 2.76 3.22 -7.75
CA GLU A 430 3.38 2.67 -6.56
C GLU A 430 3.42 1.15 -6.54
N HIS A 431 2.34 0.48 -6.92
CA HIS A 431 2.26 -0.97 -6.83
C HIS A 431 2.28 -1.66 -8.17
N HIS A 432 2.32 -0.92 -9.27
CA HIS A 432 2.37 -1.59 -10.55
C HIS A 432 3.53 -1.16 -11.44
N SER A 433 4.02 0.07 -11.29
CA SER A 433 4.95 0.63 -12.26
C SER A 433 6.24 -0.16 -12.32
N ARG A 434 6.84 -0.16 -13.50
CA ARG A 434 8.22 -0.60 -13.63
C ARG A 434 9.15 0.29 -12.83
N LYS A 435 10.13 -0.33 -12.19
CA LYS A 435 11.16 0.35 -11.44
C LYS A 435 12.43 0.20 -12.27
N LYS A 436 12.69 1.20 -13.10
CA LYS A 436 13.88 1.28 -13.93
C LYS A 436 14.20 2.77 -14.09
N SER A 437 14.93 3.11 -15.14
CA SER A 437 15.19 4.50 -15.49
C SER A 437 13.91 5.31 -15.59
N ARG A 438 12.77 4.64 -15.47
CA ARG A 438 11.54 5.28 -15.03
C ARG A 438 10.91 6.16 -16.07
N GLN A 439 11.39 6.12 -17.30
CA GLN A 439 10.65 6.73 -18.39
C GLN A 439 9.57 5.77 -18.84
N ALA A 440 9.98 4.53 -19.09
CA ALA A 440 9.00 3.50 -19.31
C ALA A 440 8.08 3.36 -18.11
N SER A 441 8.45 3.93 -16.96
CA SER A 441 7.52 3.96 -15.85
C SER A 441 6.22 4.62 -16.28
N ASN A 442 6.33 5.88 -16.66
CA ASN A 442 5.16 6.62 -17.07
C ASN A 442 4.59 6.07 -18.36
N GLU A 443 5.44 5.42 -19.18
CA GLU A 443 4.92 4.64 -20.30
C GLU A 443 3.93 3.57 -19.85
N ASP A 444 4.35 2.71 -18.93
CA ASP A 444 3.47 1.66 -18.39
C ASP A 444 2.24 2.24 -17.74
N ILE A 445 2.40 3.39 -17.09
CA ILE A 445 1.24 4.08 -16.52
C ILE A 445 0.23 4.41 -17.59
N LEU A 446 0.67 5.12 -18.62
CA LEU A 446 -0.18 5.40 -19.77
C LEU A 446 -0.77 4.11 -20.34
N ASN A 447 0.03 3.06 -20.40
CA ASN A 447 -0.41 1.77 -20.91
C ASN A 447 -1.63 1.26 -20.15
N MET A 448 -1.47 1.04 -18.85
CA MET A 448 -2.59 0.59 -18.04
C MET A 448 -3.77 1.53 -18.10
N LEU A 449 -3.52 2.83 -18.14
CA LEU A 449 -4.63 3.76 -18.32
C LEU A 449 -5.41 3.49 -19.60
N ILE A 450 -4.72 3.48 -20.73
CA ILE A 450 -5.42 3.25 -21.99
C ILE A 450 -6.03 1.88 -22.05
N ILE A 451 -5.48 0.90 -21.33
CA ILE A 451 -6.17 -0.37 -21.23
C ILE A 451 -7.49 -0.19 -20.51
N SER A 452 -7.47 0.53 -19.40
CA SER A 452 -8.72 0.90 -18.75
C SER A 452 -9.63 1.64 -19.68
N SER A 453 -9.07 2.26 -20.70
CA SER A 453 -9.87 3.02 -21.65
C SER A 453 -10.42 2.19 -22.80
N ASP A 454 -9.64 1.29 -23.37
CA ASP A 454 -10.04 0.59 -24.59
C ASP A 454 -11.41 -0.05 -24.41
N PRO A 455 -12.44 0.42 -25.12
CA PRO A 455 -13.79 -0.05 -24.87
C PRO A 455 -14.00 -1.50 -25.23
N LEU A 456 -13.05 -2.12 -25.91
CA LEU A 456 -13.11 -3.56 -26.16
C LEU A 456 -13.31 -4.33 -24.87
N ILE A 457 -12.40 -4.13 -23.92
CA ILE A 457 -12.60 -4.69 -22.59
C ILE A 457 -13.78 -4.01 -21.94
N SER A 458 -14.81 -4.78 -21.63
CA SER A 458 -15.87 -4.34 -20.74
C SER A 458 -15.33 -4.41 -19.32
N PHE A 459 -14.79 -3.28 -18.86
CA PHE A 459 -14.17 -3.19 -17.55
C PHE A 459 -15.20 -3.40 -16.45
N THR A 460 -15.07 -4.48 -15.68
CA THR A 460 -16.00 -4.79 -14.59
C THR A 460 -15.53 -4.06 -13.32
N ARG A 461 -15.99 -2.81 -13.17
CA ARG A 461 -15.58 -1.96 -12.07
C ARG A 461 -15.84 -2.62 -10.71
N PRO A 462 -15.18 -2.14 -9.67
CA PRO A 462 -15.60 -2.48 -8.30
C PRO A 462 -17.05 -2.14 -8.03
N LYS A 463 -17.72 -3.05 -7.33
CA LYS A 463 -19.12 -2.94 -6.98
C LYS A 463 -19.41 -1.73 -6.08
N LEU A 464 -20.53 -1.06 -6.38
CA LEU A 464 -21.12 -0.05 -5.53
C LEU A 464 -22.62 -0.31 -5.52
N ASP A 465 -23.34 0.33 -4.60
CA ASP A 465 -24.79 0.29 -4.67
C ASP A 465 -25.31 0.75 -6.02
N ALA A 466 -26.38 0.10 -6.46
CA ALA A 466 -26.89 0.23 -7.83
C ALA A 466 -27.04 1.68 -8.25
N HIS A 467 -27.89 2.44 -7.56
CA HIS A 467 -28.12 3.83 -7.93
C HIS A 467 -27.37 4.81 -7.03
N LYS A 468 -27.55 4.71 -5.72
CA LYS A 468 -26.96 5.66 -4.76
C LYS A 468 -27.30 7.11 -5.15
N ARG A 469 -28.43 7.30 -5.83
CA ARG A 469 -28.86 8.61 -6.33
C ARG A 469 -29.92 9.16 -5.37
N GLN A 470 -29.46 9.92 -4.38
CA GLN A 470 -30.36 10.52 -3.40
C GLN A 470 -31.16 11.64 -4.08
N THR A 471 -32.45 11.39 -4.30
CA THR A 471 -33.33 12.44 -4.81
C THR A 471 -33.33 13.63 -3.87
N TYR A 472 -32.81 14.75 -4.36
CA TYR A 472 -32.47 15.87 -3.51
C TYR A 472 -33.73 16.60 -3.04
N PHE A 473 -33.50 17.60 -2.18
CA PHE A 473 -34.49 18.25 -1.32
C PHE A 473 -35.84 18.55 -1.98
N LYS A 474 -36.92 18.48 -1.18
CA LYS A 474 -38.27 18.68 -1.69
C LYS A 474 -38.41 20.00 -2.42
N GLU A 475 -37.60 20.99 -2.04
CA GLU A 475 -37.56 22.26 -2.74
C GLU A 475 -37.05 22.09 -4.16
N THR A 476 -36.26 21.06 -4.41
CA THR A 476 -36.03 20.63 -5.79
C THR A 476 -37.19 19.79 -6.31
N VAL A 477 -37.68 18.85 -5.49
CA VAL A 477 -38.69 17.89 -5.93
C VAL A 477 -39.92 18.56 -6.53
N GLU A 478 -40.31 19.72 -6.01
CA GLU A 478 -41.44 20.41 -6.63
C GLU A 478 -41.04 21.54 -7.59
N LEU A 479 -39.88 22.16 -7.38
CA LEU A 479 -39.38 23.14 -8.33
C LEU A 479 -38.76 22.51 -9.58
N LEU A 480 -38.65 21.18 -9.62
CA LEU A 480 -38.25 20.44 -10.80
C LEU A 480 -39.45 19.67 -11.34
N GLN A 481 -39.27 19.10 -12.52
CA GLN A 481 -40.29 18.26 -13.15
C GLN A 481 -39.73 16.86 -13.40
N LEU A 482 -40.57 15.84 -13.20
CA LEU A 482 -40.15 14.44 -13.26
C LEU A 482 -40.35 13.78 -14.62
N GLN A 483 -40.48 14.56 -15.68
CA GLN A 483 -40.66 14.05 -17.05
C GLN A 483 -39.34 14.14 -17.80
N ASP A 484 -38.50 13.10 -17.66
CA ASP A 484 -37.08 13.23 -17.98
C ASP A 484 -36.63 12.11 -18.90
N GLN A 485 -35.92 12.47 -19.95
CA GLN A 485 -35.19 11.45 -20.68
C GLN A 485 -33.75 11.39 -20.17
N GLU A 486 -33.61 11.32 -18.85
CA GLU A 486 -32.36 11.13 -18.13
C GLU A 486 -32.70 10.88 -16.66
N ALA A 487 -31.79 10.19 -15.96
CA ALA A 487 -31.88 10.06 -14.50
C ALA A 487 -30.48 9.90 -13.94
N PRO A 488 -29.67 10.96 -13.98
CA PRO A 488 -28.26 10.82 -13.62
C PRO A 488 -28.07 10.71 -12.12
N THR A 489 -27.25 9.74 -11.71
CA THR A 489 -26.82 9.67 -10.32
C THR A 489 -25.98 10.89 -9.96
N GLU A 490 -24.93 11.14 -10.73
CA GLU A 490 -24.10 12.32 -10.53
C GLU A 490 -24.04 13.22 -11.76
N PHE A 491 -24.10 12.66 -12.96
CA PHE A 491 -24.00 13.43 -14.20
C PHE A 491 -24.58 12.64 -15.36
N SER D 5 -17.31 -32.39 -6.65
CA SER D 5 -17.03 -32.29 -8.07
C SER D 5 -16.65 -30.88 -8.44
N THR D 6 -15.56 -30.40 -7.84
CA THR D 6 -15.03 -29.08 -8.13
C THR D 6 -13.55 -29.20 -8.43
N ILE D 7 -13.07 -28.41 -9.39
CA ILE D 7 -11.67 -28.52 -9.81
C ILE D 7 -10.73 -28.22 -8.67
N PHE D 8 -10.78 -27.01 -8.15
CA PHE D 8 -10.04 -26.69 -6.95
C PHE D 8 -10.74 -27.28 -5.73
N SER D 9 -10.01 -28.11 -4.98
CA SER D 9 -10.44 -28.47 -3.64
C SER D 9 -10.57 -27.22 -2.77
N PRO D 10 -11.54 -27.18 -1.86
CA PRO D 10 -11.55 -26.07 -0.92
C PRO D 10 -10.28 -26.01 -0.11
N GLU D 11 -9.73 -27.16 0.22
CA GLU D 11 -8.47 -27.19 0.94
C GLU D 11 -7.33 -26.66 0.10
N LYS D 12 -7.42 -26.76 -1.21
CA LYS D 12 -6.43 -26.08 -2.04
C LYS D 12 -6.82 -24.66 -2.35
N ALA D 13 -8.12 -24.38 -2.45
CA ALA D 13 -8.57 -23.02 -2.68
C ALA D 13 -8.18 -22.08 -1.56
N LEU D 14 -8.05 -22.59 -0.34
CA LEU D 14 -7.59 -21.73 0.73
C LEU D 14 -6.12 -21.33 0.53
N GLY D 15 -5.28 -22.28 0.12
CA GLY D 15 -3.93 -21.92 -0.24
C GLY D 15 -3.85 -21.02 -1.45
N LEU D 16 -4.85 -21.14 -2.32
CA LEU D 16 -4.93 -20.23 -3.45
C LEU D 16 -5.22 -18.82 -2.97
N LEU D 17 -6.14 -18.67 -2.02
CA LEU D 17 -6.34 -17.38 -1.39
C LEU D 17 -5.05 -16.88 -0.73
N LEU D 18 -4.28 -17.79 -0.13
CA LEU D 18 -3.02 -17.36 0.48
C LEU D 18 -2.07 -16.77 -0.55
N SER D 19 -1.74 -17.53 -1.59
CA SER D 19 -0.71 -17.09 -2.51
C SER D 19 -1.07 -15.76 -3.17
N LEU D 20 -2.34 -15.56 -3.48
CA LEU D 20 -2.76 -14.34 -4.13
C LEU D 20 -3.03 -13.21 -3.17
N LYS D 21 -3.31 -13.50 -1.90
CA LYS D 21 -3.51 -12.46 -0.89
C LYS D 21 -4.71 -11.58 -1.25
N LEU D 22 -5.84 -12.22 -1.52
CA LEU D 22 -7.00 -11.52 -2.05
C LEU D 22 -7.96 -11.12 -0.93
N SER D 23 -8.91 -10.26 -1.27
CA SER D 23 -10.01 -10.02 -0.36
C SER D 23 -11.05 -11.11 -0.50
N LYS D 24 -12.03 -11.10 0.41
CA LYS D 24 -13.24 -11.86 0.15
C LYS D 24 -13.90 -11.37 -1.14
N TRP D 25 -14.01 -10.06 -1.27
CA TRP D 25 -14.61 -9.45 -2.45
C TRP D 25 -13.90 -9.89 -3.71
N GLN D 26 -12.57 -9.83 -3.71
CA GLN D 26 -11.81 -10.24 -4.87
C GLN D 26 -12.08 -11.69 -5.25
N TYR D 27 -12.16 -12.56 -4.26
CA TYR D 27 -12.40 -13.98 -4.51
C TYR D 27 -13.76 -14.25 -5.10
N ILE D 28 -14.79 -13.68 -4.50
CA ILE D 28 -16.12 -13.86 -5.06
C ILE D 28 -16.20 -13.27 -6.47
N THR D 29 -15.55 -12.13 -6.72
CA THR D 29 -15.59 -11.56 -8.05
C THR D 29 -14.91 -12.47 -9.07
N LEU D 30 -13.75 -13.01 -8.73
CA LEU D 30 -13.06 -13.90 -9.65
C LEU D 30 -13.85 -15.16 -9.94
N ARG D 31 -14.39 -15.79 -8.91
CA ARG D 31 -15.26 -16.94 -9.15
C ARG D 31 -16.42 -16.59 -10.06
N GLU D 32 -17.15 -15.53 -9.75
CA GLU D 32 -18.32 -15.19 -10.55
C GLU D 32 -17.97 -14.89 -12.00
N THR D 33 -16.85 -14.23 -12.25
CA THR D 33 -16.45 -14.04 -13.65
C THR D 33 -16.10 -15.35 -14.32
N THR D 34 -15.52 -16.30 -13.59
CA THR D 34 -15.39 -17.62 -14.15
C THR D 34 -16.74 -18.22 -14.48
N ILE D 35 -17.74 -17.95 -13.64
CA ILE D 35 -19.08 -18.46 -13.89
C ILE D 35 -19.66 -17.91 -15.18
N ARG D 36 -19.70 -16.59 -15.31
CA ARG D 36 -20.40 -15.97 -16.43
C ARG D 36 -19.79 -16.33 -17.79
N GLU D 37 -18.66 -17.01 -17.83
CA GLU D 37 -18.15 -17.58 -19.08
C GLU D 37 -18.38 -19.08 -19.15
N GLY D 38 -19.53 -19.52 -18.63
CA GLY D 38 -20.02 -20.85 -18.85
C GLY D 38 -19.36 -21.94 -18.05
N SER D 39 -18.30 -21.63 -17.31
CA SER D 39 -17.51 -22.65 -16.64
C SER D 39 -17.72 -22.51 -15.15
N LYS D 40 -18.21 -23.57 -14.51
CA LYS D 40 -18.67 -23.53 -13.13
C LYS D 40 -17.73 -24.23 -12.17
N GLU D 41 -17.18 -25.36 -12.56
CA GLU D 41 -16.59 -26.32 -11.65
C GLU D 41 -15.25 -25.86 -11.11
N ILE D 42 -14.72 -24.76 -11.61
CA ILE D 42 -13.36 -24.35 -11.27
C ILE D 42 -13.30 -23.88 -9.84
N TYR D 43 -14.01 -22.79 -9.53
CA TYR D 43 -13.84 -22.13 -8.26
C TYR D 43 -14.93 -22.52 -7.28
N PRO D 44 -14.58 -23.09 -6.15
CA PRO D 44 -15.58 -23.29 -5.11
C PRO D 44 -16.05 -21.96 -4.55
N SER D 45 -17.32 -21.92 -4.18
CA SER D 45 -17.83 -20.72 -3.55
C SER D 45 -17.17 -20.47 -2.20
N TYR D 46 -17.26 -19.22 -1.77
CA TYR D 46 -16.58 -18.76 -0.57
C TYR D 46 -16.99 -19.50 0.69
N TYR D 47 -18.22 -19.98 0.74
CA TYR D 47 -18.70 -20.70 1.93
C TYR D 47 -17.83 -21.90 2.28
N LYS D 48 -17.41 -22.65 1.29
CA LYS D 48 -16.57 -23.80 1.59
C LYS D 48 -15.18 -23.36 2.03
N VAL D 49 -14.74 -22.22 1.54
CA VAL D 49 -13.51 -21.65 2.04
C VAL D 49 -13.65 -21.28 3.51
N GLN D 50 -14.78 -20.68 3.86
CA GLN D 50 -15.11 -20.42 5.26
C GLN D 50 -15.00 -21.68 6.11
N LYS D 51 -15.59 -22.76 5.64
CA LYS D 51 -15.52 -24.00 6.41
C LYS D 51 -14.09 -24.48 6.55
N ALA D 52 -13.32 -24.45 5.47
CA ALA D 52 -11.90 -24.79 5.56
C ALA D 52 -11.17 -23.96 6.60
N LYS D 53 -11.45 -22.66 6.64
CA LYS D 53 -10.82 -21.79 7.63
C LYS D 53 -11.22 -22.16 9.06
N LEU D 54 -12.52 -22.29 9.33
CA LEU D 54 -12.94 -22.67 10.67
C LEU D 54 -12.33 -24.00 11.09
N GLN D 55 -12.19 -24.93 10.15
CA GLN D 55 -11.42 -26.13 10.45
C GLN D 55 -9.99 -25.78 10.84
N CYS D 56 -9.37 -24.87 10.12
CA CYS D 56 -7.99 -24.53 10.45
C CYS D 56 -7.85 -23.80 11.76
N TYR D 57 -8.90 -23.16 12.25
CA TYR D 57 -8.80 -22.59 13.58
C TYR D 57 -8.76 -23.67 14.65
N PRO D 58 -8.15 -23.38 15.79
CA PRO D 58 -8.48 -24.08 17.02
C PRO D 58 -9.80 -23.58 17.56
N PRO D 59 -10.52 -24.41 18.32
CA PRO D 59 -11.78 -23.95 18.92
C PRO D 59 -11.58 -22.73 19.81
N LYS D 60 -12.56 -21.84 19.76
CA LYS D 60 -12.52 -20.55 20.45
C LYS D 60 -12.52 -20.65 21.96
N ALA D 61 -12.49 -21.87 22.49
CA ALA D 61 -12.31 -22.04 23.93
C ALA D 61 -10.95 -21.54 24.41
N PHE D 62 -9.97 -21.46 23.52
CA PHE D 62 -8.59 -21.17 23.89
C PHE D 62 -8.10 -19.85 23.36
N VAL D 63 -8.90 -19.16 22.56
CA VAL D 63 -8.49 -17.89 21.98
C VAL D 63 -8.62 -16.79 23.03
N ALA D 64 -7.56 -16.02 23.20
CA ALA D 64 -7.57 -14.85 24.08
C ALA D 64 -7.30 -13.66 23.19
N VAL D 65 -8.32 -12.85 22.95
CA VAL D 65 -8.26 -11.75 22.01
C VAL D 65 -8.62 -10.46 22.74
N THR D 66 -7.84 -9.41 22.49
CA THR D 66 -8.09 -8.11 23.09
C THR D 66 -7.90 -7.03 22.04
N ASP D 67 -8.22 -5.80 22.45
CA ASP D 67 -7.83 -4.65 21.66
C ASP D 67 -6.31 -4.55 21.57
N SER D 68 -5.63 -5.08 22.57
CA SER D 68 -4.22 -4.81 22.80
C SER D 68 -3.32 -6.00 22.56
N SER D 69 -3.83 -7.22 22.73
CA SER D 69 -2.96 -8.38 22.79
C SER D 69 -3.81 -9.62 22.57
N ALA D 70 -3.13 -10.74 22.32
CA ALA D 70 -3.83 -11.99 22.14
C ALA D 70 -2.87 -13.15 22.35
N LYS D 71 -3.43 -14.28 22.71
CA LYS D 71 -2.65 -15.49 22.94
C LYS D 71 -3.53 -16.71 22.74
N ILE D 72 -2.90 -17.89 22.83
CA ILE D 72 -3.59 -19.15 22.69
C ILE D 72 -3.08 -20.12 23.75
N ALA D 73 -3.86 -21.17 24.00
CA ALA D 73 -3.39 -22.26 24.85
C ALA D 73 -2.44 -23.16 24.08
N LEU D 74 -1.21 -23.25 24.57
CA LEU D 74 -0.18 -24.07 23.94
C LEU D 74 -0.63 -25.51 23.73
N GLN D 75 -1.25 -26.10 24.75
CA GLN D 75 -1.77 -27.45 24.66
C GLN D 75 -2.66 -27.65 23.44
N ALA D 76 -3.78 -26.94 23.41
CA ALA D 76 -4.75 -27.08 22.33
C ALA D 76 -4.14 -26.75 20.98
N LEU D 77 -3.22 -25.79 20.94
CA LEU D 77 -2.58 -25.44 19.68
C LEU D 77 -1.72 -26.59 19.15
N LEU D 78 -0.88 -27.17 20.01
CA LEU D 78 -0.11 -28.33 19.59
C LEU D 78 -0.99 -29.49 19.15
N ASP D 79 -2.06 -29.77 19.87
CA ASP D 79 -3.00 -30.80 19.43
C ASP D 79 -3.59 -30.50 18.04
N LEU D 80 -4.00 -29.26 17.81
CA LEU D 80 -4.49 -28.90 16.48
C LEU D 80 -3.43 -29.13 15.42
N THR D 81 -2.19 -28.74 15.71
CA THR D 81 -1.12 -28.88 14.74
C THR D 81 -0.82 -30.34 14.42
N VAL D 82 -0.76 -31.19 15.44
CA VAL D 82 -0.50 -32.59 15.16
C VAL D 82 -1.68 -33.24 14.46
N ASN D 83 -2.90 -32.82 14.75
CA ASN D 83 -4.05 -33.29 13.98
C ASN D 83 -3.91 -32.96 12.50
N ARG D 84 -3.50 -31.73 12.19
CA ARG D 84 -3.27 -31.38 10.81
C ARG D 84 -2.15 -32.19 10.19
N ILE D 85 -0.97 -32.19 10.82
CA ILE D 85 0.16 -32.88 10.21
C ILE D 85 -0.05 -34.38 10.13
N PHE D 86 -0.93 -34.93 10.97
CA PHE D 86 -1.52 -36.22 10.67
C PHE D 86 -2.10 -36.18 9.29
N GLU D 87 -3.20 -35.43 9.17
CA GLU D 87 -4.06 -35.58 8.01
C GLU D 87 -3.38 -35.28 6.69
N THR D 88 -2.46 -34.32 6.66
CA THR D 88 -2.01 -33.80 5.38
C THR D 88 -1.22 -34.82 4.58
N ILE D 89 -0.06 -35.22 5.08
CA ILE D 89 0.89 -36.01 4.29
C ILE D 89 1.29 -37.31 4.94
N ARG D 90 1.10 -37.50 6.23
CA ARG D 90 1.39 -38.79 6.82
C ARG D 90 0.54 -39.86 6.14
N SER D 91 1.21 -40.80 5.49
CA SER D 91 0.54 -41.94 4.89
C SER D 91 -0.12 -42.72 6.02
N PRO D 92 -1.43 -42.62 6.16
CA PRO D 92 -2.09 -42.93 7.44
C PRO D 92 -1.92 -44.38 7.82
N ASP D 93 -1.65 -44.59 9.10
CA ASP D 93 -1.41 -45.90 9.69
C ASP D 93 -0.26 -46.62 9.00
N ALA D 94 0.73 -45.87 8.54
CA ALA D 94 1.99 -46.50 8.17
C ALA D 94 2.60 -47.17 9.38
N ILE D 95 2.33 -46.63 10.57
CA ILE D 95 2.68 -47.26 11.83
C ILE D 95 1.74 -46.74 12.90
N GLN D 96 1.35 -47.63 13.80
CA GLN D 96 0.63 -47.28 15.01
C GLN D 96 1.33 -47.77 16.26
N ASN D 97 2.23 -48.74 16.14
CA ASN D 97 2.63 -49.58 17.26
C ASN D 97 3.51 -48.80 18.24
N LYS D 98 4.59 -48.21 17.74
CA LYS D 98 5.54 -47.53 18.62
C LYS D 98 5.06 -46.12 18.98
N GLN D 99 5.34 -45.73 20.21
CA GLN D 99 4.90 -44.45 20.75
C GLN D 99 5.67 -43.28 20.15
N LEU D 100 4.95 -42.25 19.75
CA LEU D 100 5.49 -41.19 18.92
C LEU D 100 5.75 -39.94 19.76
N ILE D 101 6.75 -39.17 19.34
CA ILE D 101 7.04 -37.88 19.95
C ILE D 101 7.24 -36.87 18.83
N LEU D 102 6.86 -35.63 19.12
CA LEU D 102 6.95 -34.53 18.17
C LEU D 102 7.93 -33.49 18.69
N ILE D 103 8.86 -33.09 17.83
CA ILE D 103 9.90 -32.14 18.18
C ILE D 103 9.56 -30.77 17.60
N SER D 104 9.79 -29.73 18.38
CA SER D 104 9.46 -28.39 17.92
C SER D 104 10.45 -27.39 18.49
N LYS D 105 10.71 -26.35 17.70
CA LYS D 105 11.45 -25.19 18.13
C LYS D 105 10.48 -24.09 18.50
N TRP D 106 10.91 -23.20 19.38
CA TRP D 106 10.01 -22.14 19.81
C TRP D 106 10.81 -20.96 20.30
N GLY D 107 10.10 -19.83 20.40
CA GLY D 107 10.70 -18.60 20.85
C GLY D 107 9.91 -17.43 20.30
N PHE D 108 10.54 -16.25 20.33
CA PHE D 108 9.80 -15.05 19.97
C PHE D 108 10.75 -13.89 19.85
N ASP D 109 10.27 -12.82 19.25
CA ASP D 109 10.89 -11.50 19.29
C ASP D 109 9.87 -10.49 18.81
N GLY D 110 10.31 -9.25 18.67
CA GLY D 110 9.47 -8.21 18.10
C GLY D 110 10.20 -7.15 17.31
N ALA D 111 9.48 -6.07 16.99
CA ALA D 111 10.04 -4.94 16.29
C ALA D 111 9.10 -3.76 16.47
N SER D 112 9.65 -2.56 16.29
CA SER D 112 8.86 -1.33 16.36
C SER D 112 7.99 -1.17 15.13
N ASN D 113 6.82 -0.57 15.32
CA ASN D 113 5.95 -0.19 14.21
C ASN D 113 6.41 1.18 13.72
N GLN D 114 7.33 1.18 12.76
CA GLN D 114 7.73 2.41 12.12
C GLN D 114 6.60 2.97 11.26
N SER D 115 6.32 4.26 11.42
CA SER D 115 5.17 4.89 10.80
C SER D 115 5.46 6.38 10.65
N ARG D 116 4.52 7.10 10.04
CA ARG D 116 4.61 8.54 9.95
C ARG D 116 4.55 9.19 11.34
N TYR D 117 4.91 10.46 11.39
CA TYR D 117 4.89 11.25 12.61
C TYR D 117 3.50 11.71 12.99
N LYS D 118 2.47 11.16 12.35
CA LYS D 118 1.08 11.51 12.63
C LYS D 118 0.27 10.31 13.12
N GLN D 119 0.94 9.32 13.72
CA GLN D 119 0.28 8.11 14.17
C GLN D 119 0.25 8.04 15.69
N GLY D 126 -1.22 4.90 17.24
CA GLY D 126 -1.14 4.01 18.37
C GLY D 126 -0.42 2.71 18.07
N ASP D 127 -0.12 2.49 16.79
CA ASP D 127 0.65 1.33 16.34
C ASP D 127 2.13 1.60 16.52
N SER D 128 2.67 1.17 17.65
CA SER D 128 4.02 1.54 18.04
C SER D 128 5.04 0.42 17.86
N SER D 129 4.68 -0.81 18.22
CA SER D 129 5.59 -1.95 18.13
C SER D 129 4.75 -3.19 18.34
N ILE D 130 5.29 -4.33 17.92
CA ILE D 130 4.66 -5.63 18.10
C ILE D 130 5.74 -6.65 18.41
N PHE D 131 5.30 -7.81 18.89
CA PHE D 131 6.18 -8.92 19.21
C PHE D 131 5.31 -10.15 19.42
N MET D 132 5.83 -11.31 19.03
CA MET D 132 5.00 -12.49 18.78
C MET D 132 5.66 -13.74 19.35
N THR D 133 5.06 -14.27 20.41
CA THR D 133 5.31 -15.64 20.82
C THR D 133 5.04 -16.60 19.67
N SER D 134 5.92 -17.58 19.50
CA SER D 134 5.95 -18.33 18.26
C SER D 134 6.46 -19.75 18.49
N LEU D 135 5.93 -20.68 17.69
CA LEU D 135 6.29 -22.09 17.75
C LEU D 135 6.39 -22.65 16.34
N VAL D 136 7.34 -23.56 16.12
CA VAL D 136 7.49 -24.20 14.82
C VAL D 136 7.77 -25.69 14.98
N PRO D 137 6.90 -26.55 14.47
CA PRO D 137 7.15 -27.99 14.52
C PRO D 137 8.21 -28.39 13.50
N LEU D 138 9.24 -29.08 13.95
CA LEU D 138 10.33 -29.45 13.07
C LEU D 138 10.23 -30.86 12.52
N LYS D 139 9.93 -31.84 13.37
CA LYS D 139 9.98 -33.23 12.95
C LYS D 139 9.06 -34.08 13.83
N LEU D 140 8.50 -35.12 13.24
CA LEU D 140 7.74 -36.13 13.96
C LEU D 140 8.45 -37.46 13.89
N THR D 141 8.66 -38.05 15.07
CA THR D 141 9.52 -39.21 15.31
C THR D 141 8.73 -40.47 15.57
N ALA D 142 9.19 -41.55 14.94
CA ALA D 142 8.73 -42.91 15.23
C ALA D 142 9.96 -43.81 15.31
N ASP D 143 9.69 -45.11 15.48
CA ASP D 143 10.77 -46.07 15.73
C ASP D 143 11.56 -46.28 14.44
N GLY D 144 10.87 -46.66 13.38
CA GLY D 144 11.52 -46.88 12.10
C GLY D 144 12.26 -45.65 11.61
N ASP D 145 11.65 -44.47 11.79
CA ASP D 145 12.31 -43.22 11.44
C ASP D 145 11.53 -42.07 12.04
N THR D 146 12.14 -40.89 12.00
CA THR D 146 11.35 -39.68 12.00
C THR D 146 10.45 -39.66 10.78
N VAL D 147 9.16 -39.88 11.02
CA VAL D 147 8.22 -39.99 9.92
C VAL D 147 8.13 -38.66 9.17
N TRP D 148 7.98 -37.56 9.89
CA TRP D 148 7.78 -36.27 9.26
C TRP D 148 8.97 -35.34 9.49
N VAL D 149 9.34 -34.61 8.43
CA VAL D 149 10.34 -33.55 8.52
C VAL D 149 9.79 -32.31 7.86
N ASN D 150 10.36 -31.17 8.19
CA ASN D 150 9.98 -30.04 7.38
C ASN D 150 10.96 -29.86 6.23
N PRO D 151 10.45 -29.72 5.01
CA PRO D 151 11.36 -29.49 3.87
C PRO D 151 12.15 -28.19 3.96
N LYS D 152 11.54 -27.11 4.42
CA LYS D 152 12.22 -25.82 4.56
C LYS D 152 12.01 -25.29 5.97
N PRO D 153 12.69 -25.90 6.95
CA PRO D 153 12.42 -25.56 8.35
C PRO D 153 12.51 -24.08 8.67
N CYS D 154 13.62 -23.44 8.33
CA CYS D 154 13.82 -22.04 8.66
C CYS D 154 12.86 -21.11 7.96
N SER D 155 12.15 -21.58 6.94
CA SER D 155 11.10 -20.80 6.33
C SER D 155 10.07 -20.34 7.35
N PRO D 156 9.47 -19.17 7.14
CA PRO D 156 8.36 -18.72 7.99
C PRO D 156 7.07 -19.49 7.80
N MET D 157 6.99 -20.42 6.86
CA MET D 157 5.77 -21.15 6.56
C MET D 157 5.21 -21.93 7.74
N TYR D 158 5.95 -22.08 8.83
CA TYR D 158 5.49 -22.89 9.95
C TYR D 158 5.65 -22.18 11.29
N CYS D 159 5.79 -20.86 11.28
CA CYS D 159 5.83 -20.06 12.49
C CYS D 159 4.40 -19.88 13.03
N ARG D 160 3.90 -20.97 13.56
CA ARG D 160 2.60 -20.96 14.20
C ARG D 160 2.60 -19.99 15.36
N PRO D 161 1.81 -18.92 15.29
CA PRO D 161 1.79 -17.94 16.37
C PRO D 161 1.18 -18.52 17.64
N VAL D 162 1.78 -18.19 18.77
CA VAL D 162 1.31 -18.62 20.07
C VAL D 162 0.71 -17.47 20.85
N GLN D 163 1.29 -16.29 20.71
CA GLN D 163 0.84 -15.07 21.38
C GLN D 163 1.45 -13.91 20.63
N PHE D 164 0.83 -12.75 20.77
CA PHE D 164 1.46 -11.50 20.40
C PHE D 164 0.80 -10.37 21.18
N SER D 165 1.48 -9.23 21.21
CA SER D 165 1.03 -8.11 22.01
C SER D 165 1.53 -6.80 21.44
N PHE D 166 0.78 -5.75 21.74
CA PHE D 166 1.13 -4.38 21.37
C PHE D 166 1.86 -3.72 22.53
N VAL D 167 3.09 -4.16 22.76
CA VAL D 167 3.94 -3.60 23.80
C VAL D 167 5.36 -3.41 23.27
N LYS D 168 5.97 -2.28 23.62
CA LYS D 168 7.36 -2.03 23.30
C LYS D 168 8.25 -3.08 23.92
N GLU D 169 9.33 -3.41 23.22
CA GLU D 169 10.23 -4.45 23.71
C GLU D 169 11.05 -3.98 24.90
N THR D 170 10.40 -3.91 26.06
CA THR D 170 11.05 -3.59 27.32
C THR D 170 11.30 -4.89 28.07
N LYS D 171 12.54 -5.08 28.52
CA LYS D 171 12.98 -6.38 29.02
C LYS D 171 12.11 -6.92 30.16
N ASP D 172 11.41 -6.05 30.89
CA ASP D 172 10.51 -6.50 31.96
C ASP D 172 9.45 -7.47 31.45
N VAL D 173 8.58 -7.00 30.55
CA VAL D 173 7.55 -7.86 29.99
C VAL D 173 8.16 -9.00 29.20
N VAL D 174 9.40 -8.84 28.74
CA VAL D 174 10.12 -9.96 28.15
C VAL D 174 10.32 -11.09 29.15
N ILE D 175 10.83 -10.77 30.34
CA ILE D 175 10.94 -11.81 31.37
C ILE D 175 9.58 -12.32 31.81
N ASN D 176 8.55 -11.48 31.73
CA ASN D 176 7.22 -11.93 32.14
C ASN D 176 6.69 -12.99 31.20
N GLU D 177 6.77 -12.75 29.89
CA GLU D 177 6.37 -13.76 28.93
C GLU D 177 7.30 -14.97 28.99
N LYS D 178 8.58 -14.73 29.21
CA LYS D 178 9.53 -15.82 29.42
C LYS D 178 9.05 -16.76 30.49
N THR D 179 8.83 -16.24 31.68
CA THR D 179 8.31 -17.02 32.79
C THR D 179 6.99 -17.70 32.46
N ALA D 180 6.06 -16.99 31.83
CA ALA D 180 4.78 -17.59 31.46
C ALA D 180 4.95 -18.84 30.59
N MET D 181 5.66 -18.69 29.48
CA MET D 181 5.94 -19.83 28.62
C MET D 181 6.70 -20.93 29.36
N ASP D 182 7.60 -20.57 30.27
CA ASP D 182 8.26 -21.57 31.08
C ASP D 182 7.33 -22.24 32.08
N ASP D 183 6.21 -21.63 32.43
CA ASP D 183 5.18 -22.38 33.14
C ASP D 183 4.48 -23.33 32.20
N GLU D 184 4.31 -22.93 30.95
CA GLU D 184 3.51 -23.73 30.05
C GLU D 184 4.26 -24.89 29.43
N ILE D 185 5.59 -24.86 29.40
CA ILE D 185 6.37 -25.96 28.82
C ILE D 185 5.98 -27.30 29.45
N GLU D 186 5.99 -27.39 30.76
CA GLU D 186 5.58 -28.60 31.44
C GLU D 186 4.06 -28.75 31.52
N ALA D 187 3.32 -27.70 31.24
CA ALA D 187 1.87 -27.70 31.35
C ALA D 187 1.16 -28.49 30.26
N LEU D 188 1.89 -29.19 29.40
CA LEU D 188 1.28 -29.99 28.35
C LEU D 188 1.03 -31.43 28.80
N VAL D 189 -0.06 -32.00 28.29
CA VAL D 189 -0.22 -33.45 28.27
C VAL D 189 -0.01 -33.91 26.83
N PRO D 190 0.64 -35.07 26.61
CA PRO D 190 0.78 -35.60 25.24
C PRO D 190 -0.49 -35.56 24.40
N SER D 191 -0.31 -35.27 23.12
CA SER D 191 -1.42 -35.21 22.16
C SER D 191 -2.09 -36.56 21.99
N LYS D 192 -3.41 -36.55 21.98
CA LYS D 192 -4.21 -37.76 21.75
C LYS D 192 -5.15 -37.48 20.59
N CYS D 193 -4.82 -38.04 19.43
CA CYS D 193 -5.72 -37.95 18.29
C CYS D 193 -5.40 -39.06 17.31
N GLN D 194 -6.40 -39.40 16.50
CA GLN D 194 -6.25 -40.35 15.42
C GLN D 194 -5.92 -41.72 15.98
N GLY D 195 -6.53 -42.03 17.13
CA GLY D 195 -6.23 -43.27 17.80
C GLY D 195 -4.79 -43.38 18.24
N HIS D 196 -4.11 -42.25 18.42
CA HIS D 196 -2.69 -42.29 18.70
C HIS D 196 -2.34 -41.30 19.79
N GLU D 197 -1.43 -41.72 20.66
CA GLU D 197 -0.75 -40.84 21.59
C GLU D 197 0.58 -40.40 21.01
N ILE D 198 0.91 -39.12 21.20
CA ILE D 198 2.19 -38.57 20.76
C ILE D 198 2.61 -37.52 21.77
N SER D 199 3.70 -37.77 22.46
CA SER D 199 4.25 -36.79 23.37
C SER D 199 4.98 -35.69 22.60
N HIS D 200 5.40 -34.66 23.33
CA HIS D 200 5.95 -33.46 22.73
C HIS D 200 7.31 -33.14 23.35
N LYS D 201 8.08 -32.31 22.65
CA LYS D 201 9.35 -31.85 23.15
C LYS D 201 9.74 -30.57 22.44
N LEU D 202 10.25 -29.60 23.19
CA LEU D 202 10.49 -28.26 22.69
C LEU D 202 11.94 -27.85 22.91
N MET D 203 12.37 -26.89 22.08
CA MET D 203 13.65 -26.23 22.28
C MET D 203 13.47 -24.74 22.08
N MET D 204 13.88 -23.96 23.08
CA MET D 204 13.78 -22.50 23.04
C MET D 204 14.99 -21.90 22.33
N THR D 205 14.86 -21.69 21.02
CA THR D 205 15.94 -21.13 20.23
C THR D 205 15.52 -19.96 19.37
N MET D 206 14.22 -19.72 19.22
CA MET D 206 13.72 -18.74 18.26
C MET D 206 13.81 -17.35 18.88
N ILE D 207 15.06 -16.88 18.94
CA ILE D 207 15.45 -15.68 19.66
C ILE D 207 15.95 -14.67 18.64
N ASP D 208 15.77 -13.37 18.96
CA ASP D 208 16.22 -12.33 18.04
C ASP D 208 17.72 -12.13 18.06
N GLY D 209 18.35 -12.20 19.23
CA GLY D 209 19.76 -11.88 19.31
C GLY D 209 20.10 -10.91 20.42
N LYS D 210 19.08 -10.48 21.17
CA LYS D 210 19.28 -9.58 22.31
C LYS D 210 18.64 -10.10 23.58
N ILE D 211 17.83 -11.15 23.49
CA ILE D 211 17.05 -11.59 24.62
C ILE D 211 17.88 -12.41 25.59
N CYS D 212 18.90 -13.11 25.11
CA CYS D 212 19.76 -13.79 26.06
C CYS D 212 20.72 -12.82 26.73
N THR D 213 21.01 -11.70 26.08
CA THR D 213 21.69 -10.63 26.81
C THR D 213 20.73 -9.95 27.79
N TYR D 214 19.44 -10.00 27.49
CA TYR D 214 18.45 -9.54 28.46
C TYR D 214 18.33 -10.49 29.65
N LEU D 215 18.29 -11.78 29.40
CA LEU D 215 17.91 -12.75 30.41
C LEU D 215 19.08 -13.47 31.06
N SER D 216 20.15 -13.72 30.32
CA SER D 216 21.33 -14.40 30.82
C SER D 216 22.49 -13.43 31.02
N GLU D 217 22.16 -12.17 31.33
CA GLU D 217 23.13 -11.11 31.57
C GLU D 217 24.06 -11.39 32.74
N ALA D 218 23.85 -12.47 33.48
CA ALA D 218 24.71 -12.83 34.60
C ALA D 218 26.19 -12.93 34.23
N LYS D 219 26.56 -12.99 32.95
CA LYS D 219 27.97 -12.91 32.59
C LYS D 219 28.50 -11.48 32.72
N SER D 220 27.88 -10.52 32.03
CA SER D 220 28.22 -9.10 32.13
C SER D 220 29.71 -8.85 31.90
N ASN D 221 30.35 -9.70 31.10
CA ASN D 221 31.79 -9.65 30.86
C ASN D 221 32.60 -9.82 32.15
N ALA D 222 32.01 -10.48 33.14
CA ALA D 222 32.67 -10.60 34.45
C ALA D 222 33.95 -11.41 34.36
N ALA D 223 33.85 -12.67 33.94
CA ALA D 223 35.01 -13.55 33.89
C ALA D 223 34.67 -14.76 33.02
N CYS D 224 35.69 -15.59 32.78
CA CYS D 224 35.56 -16.78 31.96
C CYS D 224 35.81 -18.00 32.84
N TYR D 225 34.81 -18.90 32.90
CA TYR D 225 34.81 -19.97 33.89
C TYR D 225 36.02 -20.88 33.73
N LEU D 226 36.22 -21.40 32.52
CA LEU D 226 37.36 -22.25 32.28
C LEU D 226 38.66 -21.49 32.49
N CYS D 227 38.68 -20.21 32.13
CA CYS D 227 39.91 -19.43 32.22
C CYS D 227 40.32 -19.23 33.67
N LEU D 228 39.37 -18.84 34.51
CA LEU D 228 39.63 -18.52 35.92
C LEU D 228 40.65 -17.39 36.04
N TYR D 250 29.62 -25.27 28.07
CA TYR D 250 28.28 -25.42 28.62
C TYR D 250 27.39 -24.28 28.14
N GLU D 251 27.58 -23.09 28.71
CA GLU D 251 26.93 -21.90 28.18
C GLU D 251 27.49 -21.61 26.79
N PHE D 252 26.64 -21.74 25.77
CA PHE D 252 27.14 -21.72 24.40
C PHE D 252 27.54 -20.32 23.97
N GLY D 253 26.61 -19.37 24.04
CA GLY D 253 26.81 -18.06 23.47
C GLY D 253 26.65 -18.07 21.97
N LEU D 254 27.01 -19.19 21.34
CA LEU D 254 26.79 -19.38 19.91
C LEU D 254 25.37 -19.86 19.64
N SER D 255 24.78 -20.54 20.61
CA SER D 255 23.41 -21.02 20.56
C SER D 255 22.48 -20.11 21.32
N THR D 256 23.00 -19.01 21.87
CA THR D 256 22.22 -17.98 22.53
C THR D 256 22.70 -16.65 21.96
N LEU D 257 21.96 -16.17 20.96
CA LEU D 257 22.18 -14.95 20.20
C LEU D 257 23.36 -15.05 19.26
N HIS D 258 23.97 -16.24 19.15
CA HIS D 258 25.13 -16.51 18.32
C HIS D 258 26.35 -15.69 18.71
N ALA D 259 26.32 -15.00 19.85
CA ALA D 259 27.42 -14.17 20.34
C ALA D 259 27.83 -13.08 19.35
N ARG D 260 26.95 -12.72 18.43
CA ARG D 260 27.28 -11.73 17.41
C ARG D 260 27.42 -10.35 18.01
N ILE D 261 26.38 -9.90 18.73
CA ILE D 261 26.30 -8.54 19.23
C ILE D 261 27.46 -8.20 20.16
N ASN D 262 27.90 -9.17 20.97
CA ASN D 262 29.03 -8.91 21.87
C ASN D 262 30.33 -8.59 21.12
N VAL D 263 30.64 -9.33 20.06
CA VAL D 263 31.89 -9.09 19.36
C VAL D 263 31.86 -7.77 18.62
N MET D 264 30.76 -7.47 17.92
CA MET D 264 30.63 -6.17 17.27
C MET D 264 30.60 -5.02 18.27
N GLU D 265 30.01 -5.24 19.44
CA GLU D 265 29.95 -4.19 20.45
C GLU D 265 31.34 -3.91 21.02
N CYS D 266 32.11 -4.94 21.32
CA CYS D 266 33.45 -4.74 21.84
C CYS D 266 34.40 -4.17 20.80
N LEU D 267 34.25 -4.55 19.52
CA LEU D 267 35.10 -3.93 18.51
C LEU D 267 34.71 -2.49 18.20
N LEU D 268 33.44 -2.12 18.33
CA LEU D 268 33.09 -0.71 18.20
C LEU D 268 33.47 0.08 19.45
N HIS D 269 33.44 -0.55 20.62
CA HIS D 269 34.08 0.03 21.80
C HIS D 269 35.55 0.29 21.56
N ILE D 270 36.22 -0.61 20.85
CA ILE D 270 37.56 -0.31 20.37
C ILE D 270 37.55 0.88 19.42
N ALA D 271 36.58 0.92 18.50
CA ALA D 271 36.43 2.08 17.64
C ALA D 271 36.12 3.34 18.43
N TYR D 272 35.43 3.20 19.57
CA TYR D 272 35.33 4.31 20.50
C TYR D 272 36.70 4.76 20.97
N ARG D 273 37.57 3.79 21.26
CA ARG D 273 38.86 4.07 21.85
C ARG D 273 39.99 4.03 20.82
N LEU D 274 39.65 4.27 19.55
CA LEU D 274 40.57 4.25 18.42
C LEU D 274 41.39 5.52 18.26
N ASP D 275 41.32 6.46 19.20
CA ASP D 275 42.15 7.64 19.14
C ASP D 275 43.42 7.47 19.96
N PHE D 276 43.26 7.01 21.20
CA PHE D 276 44.39 6.78 22.11
C PHE D 276 44.86 5.34 22.10
N LYS D 277 44.01 4.40 21.74
CA LYS D 277 44.31 2.98 21.79
C LYS D 277 44.83 2.59 23.18
N LYS D 278 44.01 2.89 24.17
CA LYS D 278 44.35 2.69 25.56
C LYS D 278 43.09 2.18 26.26
N TRP D 279 43.26 1.44 27.35
CA TRP D 279 42.10 0.90 28.02
C TRP D 279 41.21 2.01 28.60
N SER D 280 41.80 2.91 29.37
CA SER D 280 41.04 3.93 30.08
C SER D 280 41.17 5.30 29.43
N ALA D 281 40.08 6.07 29.52
CA ALA D 281 40.06 7.46 29.13
C ALA D 281 39.31 8.29 30.17
N ARG D 282 39.06 7.72 31.34
CA ARG D 282 37.99 8.18 32.24
C ARG D 282 38.12 9.66 32.59
N GLY D 283 39.22 10.06 33.22
CA GLY D 283 39.24 11.42 33.71
C GLY D 283 39.40 12.49 32.65
N GLU D 284 38.26 13.04 32.23
CA GLU D 284 38.14 14.35 31.59
C GLU D 284 39.19 14.65 30.53
N GLY D 285 39.78 13.64 29.91
CA GLY D 285 40.88 13.92 29.02
C GLY D 285 40.50 13.60 27.60
N HIS D 286 39.49 12.76 27.46
CA HIS D 286 39.16 12.17 26.18
C HIS D 286 37.67 12.18 25.89
N GLN D 287 36.82 12.48 26.87
CA GLN D 287 35.38 12.34 26.74
C GLN D 287 34.83 13.19 25.59
N GLU D 288 35.25 14.46 25.53
CA GLU D 288 34.79 15.38 24.49
C GLU D 288 35.16 14.92 23.08
N LEU D 289 36.43 14.61 22.83
CA LEU D 289 36.83 14.22 21.49
C LEU D 289 36.35 12.82 21.14
N LEU D 290 36.23 11.95 22.14
CA LEU D 290 35.54 10.67 21.99
C LEU D 290 34.11 10.85 21.50
N HIS D 291 33.35 11.71 22.17
CA HIS D 291 31.97 12.01 21.79
C HIS D 291 31.90 12.56 20.37
N SER D 292 32.77 13.52 20.04
CA SER D 292 32.74 14.12 18.71
C SER D 292 33.19 13.14 17.62
N ARG D 293 34.15 12.27 17.93
CA ARG D 293 34.59 11.23 17.01
C ARG D 293 33.51 10.21 16.74
N LYS D 294 32.79 9.77 17.78
CA LYS D 294 31.68 8.85 17.55
C LYS D 294 30.53 9.54 16.82
N LYS D 295 30.33 10.82 17.09
CA LYS D 295 29.39 11.62 16.31
C LYS D 295 29.71 11.58 14.82
N LEU D 296 30.97 11.82 14.47
CA LEU D 296 31.33 11.79 13.05
C LEU D 296 31.35 10.39 12.46
N ILE D 297 31.63 9.37 13.27
CA ILE D 297 31.47 7.98 12.81
C ILE D 297 30.01 7.67 12.52
N GLN D 298 29.12 8.09 13.41
CA GLN D 298 27.69 7.88 13.20
C GLN D 298 27.20 8.64 11.97
N ASP D 299 27.71 9.86 11.76
CA ASP D 299 27.40 10.61 10.55
C ASP D 299 27.83 9.87 9.29
N ARG D 300 29.12 9.56 9.18
CA ARG D 300 29.62 8.88 7.98
C ARG D 300 28.91 7.55 7.75
N PHE D 301 28.55 6.83 8.82
CA PHE D 301 27.79 5.60 8.62
C PHE D 301 26.35 5.84 8.20
N LYS D 302 25.76 6.97 8.61
CA LYS D 302 24.47 7.36 8.04
C LYS D 302 24.61 7.66 6.55
N ASP D 303 25.73 8.23 6.16
CA ASP D 303 25.98 8.48 4.74
C ASP D 303 26.21 7.17 3.98
N ASP D 304 26.84 6.18 4.62
CA ASP D 304 27.34 5.01 3.90
C ASP D 304 26.27 3.94 3.69
N LEU D 305 25.63 3.47 4.74
CA LEU D 305 24.76 2.31 4.66
C LEU D 305 23.32 2.56 5.06
N ASN D 306 22.94 3.79 5.36
CA ASN D 306 21.70 4.09 6.06
C ASN D 306 21.65 3.34 7.40
N LEU D 307 22.78 3.38 8.11
CA LEU D 307 22.83 2.86 9.47
C LEU D 307 22.05 3.77 10.40
N LEU D 308 20.98 3.23 10.97
CA LEU D 308 20.11 4.00 11.82
C LEU D 308 20.88 4.54 13.03
N ILE D 309 20.39 5.67 13.55
CA ILE D 309 21.05 6.40 14.62
C ILE D 309 21.40 5.51 15.81
N ASP D 310 22.63 5.68 16.32
CA ASP D 310 23.16 4.88 17.42
C ASP D 310 23.11 5.60 18.77
N ILE D 311 23.08 6.92 18.76
CA ILE D 311 22.82 7.76 19.94
C ILE D 311 21.35 7.69 20.30
N VAL D 312 20.56 6.95 19.52
CA VAL D 312 19.18 6.65 19.90
C VAL D 312 19.14 6.14 21.33
N LYS D 313 18.12 6.60 22.06
CA LYS D 313 18.04 6.54 23.52
C LYS D 313 18.44 5.19 24.08
N GLN D 314 17.54 4.22 23.96
CA GLN D 314 17.77 2.81 24.32
C GLN D 314 18.31 2.66 25.76
N GLY D 315 18.09 3.64 26.62
CA GLY D 315 18.71 3.63 27.92
C GLY D 315 20.21 3.85 27.96
N SER D 316 20.73 4.78 27.15
CA SER D 316 22.14 5.14 27.08
C SER D 316 23.02 4.03 26.54
N GLY D 317 22.43 2.97 26.00
CA GLY D 317 23.20 1.87 25.45
C GLY D 317 22.82 1.69 23.99
N THR D 318 23.79 1.56 23.10
CA THR D 318 23.52 1.41 21.68
C THR D 318 23.46 -0.07 21.29
N THR D 319 22.26 -0.55 20.97
CA THR D 319 22.09 -1.77 20.19
C THR D 319 20.90 -1.53 19.26
N ASN D 320 21.21 -1.17 18.02
CA ASN D 320 20.19 -0.76 17.06
C ASN D 320 19.66 -1.92 16.22
N ASP D 321 20.56 -2.72 15.65
CA ASP D 321 20.14 -3.73 14.67
C ASP D 321 21.15 -4.85 14.65
N GLY D 322 20.66 -6.08 14.74
CA GLY D 322 21.50 -7.26 14.73
C GLY D 322 21.80 -7.69 13.31
N ASN D 323 20.84 -7.42 12.42
CA ASN D 323 21.10 -7.60 11.00
C ASN D 323 22.18 -6.65 10.49
N THR D 324 22.19 -5.40 10.98
CA THR D 324 23.31 -4.52 10.69
C THR D 324 24.59 -5.03 11.35
N ALA D 325 24.48 -5.60 12.54
CA ALA D 325 25.63 -6.25 13.17
C ALA D 325 26.23 -7.31 12.25
N ARG D 326 25.39 -8.10 11.59
CA ARG D 326 25.86 -9.03 10.57
C ARG D 326 26.47 -8.27 9.40
N ARG D 327 25.79 -7.22 8.94
CA ARG D 327 26.28 -6.43 7.81
C ARG D 327 27.59 -5.71 8.12
N PHE D 328 28.05 -5.71 9.37
CA PHE D 328 29.43 -5.33 9.63
C PHE D 328 30.41 -6.32 9.03
N PHE D 329 30.00 -7.56 8.78
CA PHE D 329 30.95 -8.60 8.40
C PHE D 329 30.84 -9.03 6.94
N GLU D 330 29.85 -8.55 6.20
CA GLU D 330 29.80 -8.74 4.76
C GLU D 330 30.41 -7.56 4.01
N PHE D 331 31.02 -6.63 4.74
CA PHE D 331 31.79 -5.53 4.14
C PHE D 331 33.15 -5.49 4.84
N PRO D 332 33.82 -6.66 4.97
CA PRO D 332 34.88 -6.80 5.98
C PRO D 332 35.98 -5.79 5.77
N ASP D 333 36.53 -5.83 4.56
CA ASP D 333 37.55 -4.87 4.17
C ASP D 333 37.00 -3.44 4.21
N LYS D 334 35.76 -3.26 3.79
CA LYS D 334 35.16 -1.93 3.72
C LYS D 334 35.05 -1.28 5.10
N THR D 335 34.28 -1.87 6.00
CA THR D 335 34.13 -1.28 7.32
C THR D 335 35.38 -1.42 8.18
N ALA D 336 36.24 -2.39 7.92
CA ALA D 336 37.52 -2.44 8.61
C ALA D 336 38.47 -1.36 8.13
N ALA D 337 38.29 -0.86 6.90
CA ALA D 337 38.98 0.35 6.47
C ALA D 337 38.35 1.59 7.10
N ILE D 338 37.02 1.61 7.17
CA ILE D 338 36.31 2.75 7.77
C ILE D 338 36.72 2.92 9.23
N THR D 339 36.84 1.81 9.95
CA THR D 339 37.36 1.82 11.31
C THR D 339 38.88 1.70 11.36
N GLY D 340 39.53 1.47 10.23
CA GLY D 340 40.98 1.43 10.21
C GLY D 340 41.60 0.28 10.97
N LEU D 341 40.80 -0.59 11.58
CA LEU D 341 41.35 -1.80 12.15
C LEU D 341 41.93 -2.67 11.03
N ASP D 342 42.85 -3.54 11.42
CA ASP D 342 43.35 -4.51 10.45
C ASP D 342 42.20 -5.28 9.85
N GLU D 343 41.98 -5.07 8.54
CA GLU D 343 40.93 -5.78 7.84
C GLU D 343 41.14 -7.28 7.86
N ASP D 344 42.39 -7.72 7.90
CA ASP D 344 42.70 -9.13 7.93
C ASP D 344 42.18 -9.82 9.19
N LEU D 345 42.43 -9.23 10.36
CA LEU D 345 42.02 -9.85 11.63
C LEU D 345 40.50 -9.98 11.76
N ILE D 346 39.77 -8.90 11.56
CA ILE D 346 38.31 -8.98 11.62
C ILE D 346 37.76 -9.83 10.50
N ARG D 347 38.48 -9.90 9.38
CA ARG D 347 38.14 -10.88 8.37
C ARG D 347 38.30 -12.32 8.89
N ARG D 348 39.38 -12.60 9.61
CA ARG D 348 39.52 -13.88 10.28
C ARG D 348 38.35 -14.18 11.21
N PHE D 349 37.96 -13.19 12.01
CA PHE D 349 36.88 -13.43 12.96
C PHE D 349 35.54 -13.58 12.27
N SER D 350 35.30 -12.81 11.21
CA SER D 350 34.10 -12.99 10.41
C SER D 350 34.04 -14.39 9.84
N VAL D 351 35.19 -14.89 9.41
CA VAL D 351 35.29 -16.27 8.95
C VAL D 351 34.93 -17.25 10.06
N ILE D 352 35.56 -17.11 11.23
CA ILE D 352 35.30 -18.07 12.31
C ILE D 352 33.87 -17.98 12.83
N LEU D 353 33.23 -16.82 12.71
CA LEU D 353 31.83 -16.69 13.13
C LEU D 353 30.90 -17.34 12.11
N GLN D 354 31.03 -16.99 10.84
CA GLN D 354 30.26 -17.63 9.79
C GLN D 354 30.61 -19.10 9.60
N ALA D 355 31.70 -19.58 10.20
CA ALA D 355 32.07 -20.98 10.10
C ALA D 355 31.37 -21.91 11.08
N ILE D 356 30.65 -21.40 12.07
CA ILE D 356 30.00 -22.27 13.06
C ILE D 356 28.51 -22.39 12.81
N THR D 357 27.80 -21.26 12.72
CA THR D 357 26.34 -21.30 12.61
C THR D 357 25.90 -22.00 11.32
N SER D 358 26.73 -22.00 10.29
CA SER D 358 26.45 -22.84 9.13
C SER D 358 26.39 -24.31 9.49
N GLY D 359 26.94 -24.71 10.63
CA GLY D 359 26.72 -26.05 11.14
C GLY D 359 27.51 -27.13 10.45
N GLU D 360 28.39 -26.77 9.52
CA GLU D 360 29.20 -27.76 8.84
C GLU D 360 30.17 -28.43 9.82
N ILE D 361 30.67 -29.59 9.42
CA ILE D 361 31.71 -30.26 10.19
C ILE D 361 32.96 -29.38 10.22
N ILE D 362 33.46 -29.12 11.43
CA ILE D 362 34.68 -28.32 11.63
C ILE D 362 35.74 -29.25 12.21
N ASP D 363 36.94 -29.22 11.61
CA ASP D 363 38.05 -30.01 12.12
C ASP D 363 38.51 -29.43 13.45
N VAL D 364 38.47 -30.27 14.49
CA VAL D 364 38.80 -29.89 15.86
C VAL D 364 40.21 -29.28 15.93
N PRO D 365 41.27 -30.02 15.57
CA PRO D 365 42.61 -29.45 15.77
C PRO D 365 42.94 -28.28 14.86
N LYS D 366 42.49 -28.32 13.61
CA LYS D 366 42.82 -27.24 12.68
C LYS D 366 42.15 -25.93 13.08
N PHE D 367 40.86 -25.96 13.37
CA PHE D 367 40.20 -24.74 13.83
C PHE D 367 40.70 -24.32 15.20
N LYS D 368 41.02 -25.29 16.06
CA LYS D 368 41.65 -24.97 17.33
C LYS D 368 42.92 -24.15 17.15
N GLU D 369 43.89 -24.68 16.41
CA GLU D 369 45.14 -23.99 16.21
C GLU D 369 45.02 -22.74 15.33
N TYR D 370 43.99 -22.65 14.50
CA TYR D 370 43.71 -21.37 13.85
C TYR D 370 43.17 -20.34 14.84
N ALA D 371 42.35 -20.79 15.79
CA ALA D 371 41.98 -19.93 16.89
C ALA D 371 43.21 -19.52 17.68
N ARG D 372 44.17 -20.43 17.81
CA ARG D 372 45.46 -20.09 18.42
C ARG D 372 46.21 -18.99 17.67
N THR D 373 46.33 -19.13 16.36
CA THR D 373 47.04 -18.12 15.57
C THR D 373 46.32 -16.77 15.54
N THR D 374 45.00 -16.79 15.31
CA THR D 374 44.22 -15.57 15.39
C THR D 374 44.24 -14.96 16.78
N ALA D 375 44.37 -15.78 17.81
CA ALA D 375 44.56 -15.25 19.16
C ALA D 375 45.94 -14.64 19.32
N GLU D 376 46.96 -15.26 18.75
CA GLU D 376 48.29 -14.67 18.74
C GLU D 376 48.21 -13.24 18.23
N LYS D 377 47.59 -13.07 17.07
CA LYS D 377 47.51 -11.76 16.47
C LYS D 377 46.54 -10.84 17.19
N TYR D 378 45.42 -11.37 17.67
CA TYR D 378 44.46 -10.57 18.43
C TYR D 378 45.09 -10.00 19.69
N VAL D 379 45.65 -10.86 20.53
CA VAL D 379 46.25 -10.42 21.78
C VAL D 379 47.50 -9.59 21.54
N GLU D 380 48.23 -9.83 20.44
CA GLU D 380 49.43 -9.04 20.20
C GLU D 380 49.08 -7.63 19.72
N LEU D 381 48.36 -7.53 18.61
CA LEU D 381 48.12 -6.24 17.99
C LEU D 381 47.24 -5.34 18.83
N TYR D 382 46.66 -5.85 19.91
CA TYR D 382 45.82 -5.05 20.80
C TYR D 382 46.10 -5.48 22.23
N ASP D 383 46.74 -4.61 22.99
CA ASP D 383 47.08 -4.88 24.37
C ASP D 383 46.35 -4.00 25.37
N TRP D 384 45.98 -2.79 24.96
CA TRP D 384 45.39 -1.75 25.80
C TRP D 384 44.06 -2.18 26.41
N TYR D 385 43.05 -2.39 25.57
CA TYR D 385 41.77 -2.88 26.03
C TYR D 385 41.85 -4.31 26.51
N TYR D 386 40.77 -4.77 27.11
CA TYR D 386 40.65 -6.15 27.56
C TYR D 386 39.74 -6.91 26.62
N MET D 387 39.94 -8.22 26.56
CA MET D 387 39.05 -9.07 25.79
C MET D 387 37.69 -9.17 26.47
N SER D 388 36.63 -9.16 25.66
CA SER D 388 35.28 -9.40 26.13
C SER D 388 35.09 -10.87 26.50
N SER D 389 33.90 -11.18 26.99
CA SER D 389 33.56 -12.53 27.44
C SER D 389 33.63 -13.57 26.32
N THR D 390 32.76 -13.45 25.33
CA THR D 390 32.58 -14.53 24.35
C THR D 390 33.78 -14.66 23.43
N VAL D 391 34.49 -13.57 23.16
CA VAL D 391 35.70 -13.67 22.36
C VAL D 391 36.69 -14.62 23.00
N HIS D 392 37.14 -14.30 24.21
CA HIS D 392 38.03 -15.21 24.93
C HIS D 392 37.43 -16.60 25.10
N LYS D 393 36.15 -16.68 25.44
CA LYS D 393 35.49 -17.97 25.48
C LYS D 393 35.73 -18.77 24.20
N LEU D 394 35.79 -18.09 23.06
CA LEU D 394 36.19 -18.76 21.83
C LEU D 394 37.69 -19.04 21.78
N LEU D 395 38.50 -18.04 22.13
CA LEU D 395 39.94 -18.06 21.91
C LEU D 395 40.65 -19.27 22.47
N ILE D 396 40.80 -19.31 23.79
CA ILE D 396 41.45 -20.46 24.40
C ILE D 396 40.48 -21.60 24.50
N HIS D 397 39.23 -21.25 24.73
CA HIS D 397 38.23 -22.14 25.28
C HIS D 397 37.24 -22.67 24.24
N GLY D 398 37.04 -21.95 23.13
CA GLY D 398 35.90 -22.25 22.30
C GLY D 398 36.04 -23.55 21.53
N GLY D 399 37.23 -23.81 20.98
CA GLY D 399 37.48 -25.02 20.20
C GLY D 399 37.15 -26.34 20.87
N ASP D 400 37.72 -26.58 22.05
CA ASP D 400 37.39 -27.80 22.76
C ASP D 400 35.92 -27.85 23.14
N ILE D 401 35.33 -26.69 23.41
CA ILE D 401 33.88 -26.65 23.59
C ILE D 401 33.17 -27.10 22.32
N ILE D 402 33.69 -26.73 21.15
CA ILE D 402 33.12 -27.18 19.88
C ILE D 402 33.28 -28.68 19.72
N ALA D 403 34.31 -29.25 20.34
CA ALA D 403 34.54 -30.68 20.26
C ALA D 403 33.36 -31.48 20.79
N GLU D 404 32.99 -31.28 22.06
CA GLU D 404 31.89 -32.00 22.68
C GLU D 404 30.62 -31.16 22.78
N ASN D 405 30.54 -30.06 22.05
CA ASN D 405 29.39 -29.16 22.08
C ASN D 405 28.10 -29.85 21.67
N ALA D 406 27.00 -29.23 22.11
CA ALA D 406 25.67 -29.43 21.57
C ALA D 406 25.32 -28.33 20.56
N ILE D 407 26.31 -27.92 19.76
CA ILE D 407 26.09 -26.96 18.69
C ILE D 407 24.96 -27.44 17.78
N VAL D 408 23.91 -26.63 17.66
CA VAL D 408 22.78 -26.88 16.78
C VAL D 408 22.51 -25.59 16.03
N PRO D 409 22.31 -25.63 14.71
CA PRO D 409 21.90 -24.41 13.99
C PRO D 409 20.60 -23.88 14.56
N ILE D 410 20.68 -22.70 15.19
CA ILE D 410 19.61 -22.23 16.05
C ILE D 410 18.32 -22.06 15.26
N GLY D 411 17.25 -22.63 15.79
CA GLY D 411 15.96 -22.68 15.16
C GLY D 411 15.27 -21.36 14.99
N SER D 412 15.85 -20.28 15.50
CA SER D 412 15.39 -18.93 15.19
C SER D 412 15.14 -18.76 13.70
N LEU D 413 13.90 -18.37 13.38
CA LEU D 413 13.48 -18.12 12.00
C LEU D 413 14.42 -17.15 11.31
N SER D 414 14.61 -17.36 10.02
CA SER D 414 15.55 -16.56 9.24
C SER D 414 15.25 -15.08 9.36
N GLU D 415 16.29 -14.27 9.21
CA GLU D 415 16.12 -12.83 9.16
C GLU D 415 15.19 -12.43 8.01
N GLU D 416 15.30 -13.14 6.89
CA GLU D 416 14.32 -13.01 5.82
C GLU D 416 12.93 -13.40 6.29
N ALA D 417 12.85 -14.50 7.04
CA ALA D 417 11.57 -14.95 7.56
C ALA D 417 10.94 -13.91 8.49
N SER D 418 11.68 -13.49 9.51
CA SER D 418 11.17 -12.46 10.41
C SER D 418 10.84 -11.16 9.69
N GLU D 419 11.64 -10.76 8.71
CA GLU D 419 11.34 -9.55 7.96
C GLU D 419 10.05 -9.67 7.16
N ALA D 420 9.91 -10.73 6.39
CA ALA D 420 8.66 -10.98 5.69
C ALA D 420 7.49 -11.14 6.66
N ARG D 421 7.73 -11.65 7.86
CA ARG D 421 6.68 -11.72 8.86
C ARG D 421 6.21 -10.35 9.31
N ASN D 422 7.14 -9.46 9.59
CA ASN D 422 6.75 -8.09 9.87
C ASN D 422 6.05 -7.45 8.68
N LYS D 423 6.53 -7.75 7.48
CA LYS D 423 5.91 -7.23 6.26
C LYS D 423 4.44 -7.64 6.17
N ASP D 424 4.19 -8.94 6.24
CA ASP D 424 2.81 -9.41 6.18
C ASP D 424 2.01 -8.92 7.37
N PHE D 425 2.65 -8.75 8.52
CA PHE D 425 1.89 -8.32 9.67
C PHE D 425 1.36 -6.91 9.44
N ARG D 426 2.24 -6.01 9.03
CA ARG D 426 1.85 -4.67 8.64
C ARG D 426 0.73 -4.69 7.61
N ARG D 427 0.89 -5.50 6.57
CA ARG D 427 -0.13 -5.53 5.52
C ARG D 427 -1.45 -6.12 5.99
N PHE D 428 -1.41 -7.27 6.67
CA PHE D 428 -2.61 -7.87 7.24
C PHE D 428 -3.37 -6.88 8.10
N ARG D 429 -2.66 -6.21 9.00
CA ARG D 429 -3.29 -5.17 9.77
C ARG D 429 -3.82 -4.04 8.89
N GLU D 430 -3.16 -3.77 7.78
CA GLU D 430 -3.50 -2.59 7.00
C GLU D 430 -4.42 -2.88 5.82
N HIS D 431 -4.17 -3.94 5.07
CA HIS D 431 -4.93 -4.22 3.87
C HIS D 431 -5.84 -5.42 3.99
N HIS D 432 -5.82 -6.10 5.13
CA HIS D 432 -6.73 -7.23 5.27
C HIS D 432 -7.64 -7.18 6.48
N SER D 433 -7.21 -6.51 7.55
CA SER D 433 -7.90 -6.62 8.83
C SER D 433 -9.32 -6.10 8.75
N ARG D 434 -10.19 -6.70 9.56
CA ARG D 434 -11.48 -6.10 9.82
C ARG D 434 -11.33 -4.75 10.48
N LYS D 435 -12.17 -3.82 10.07
CA LYS D 435 -12.25 -2.48 10.63
C LYS D 435 -13.54 -2.44 11.42
N LYS D 436 -13.44 -2.73 12.71
CA LYS D 436 -14.55 -2.69 13.65
C LYS D 436 -13.97 -2.32 15.00
N SER D 437 -14.68 -2.65 16.07
CA SER D 437 -14.18 -2.49 17.42
C SER D 437 -12.81 -3.13 17.61
N ARG D 438 -12.33 -3.83 16.59
CA ARG D 438 -10.90 -4.05 16.38
C ARG D 438 -10.31 -5.04 17.34
N GLN D 439 -11.14 -5.75 18.10
CA GLN D 439 -10.63 -6.90 18.82
C GLN D 439 -10.59 -8.09 17.88
N ALA D 440 -11.70 -8.31 17.20
CA ALA D 440 -11.69 -9.27 16.11
C ALA D 440 -10.68 -8.88 15.06
N SER D 441 -10.19 -7.64 15.08
CA SER D 441 -9.09 -7.28 14.19
C SER D 441 -7.92 -8.23 14.42
N ASN D 442 -7.38 -8.19 15.62
CA ASN D 442 -6.26 -9.04 15.95
C ASN D 442 -6.65 -10.50 15.94
N GLU D 443 -7.93 -10.80 16.16
CA GLU D 443 -8.43 -12.15 15.91
C GLU D 443 -8.19 -12.59 14.46
N ASP D 444 -8.67 -11.81 13.50
CA ASP D 444 -8.46 -12.11 12.09
C ASP D 444 -6.99 -12.16 11.73
N ILE D 445 -6.19 -11.33 12.37
CA ILE D 445 -4.74 -11.39 12.18
C ILE D 445 -4.20 -12.75 12.57
N LEU D 446 -4.48 -13.16 13.80
CA LEU D 446 -4.13 -14.49 14.25
C LEU D 446 -4.66 -15.56 13.30
N ASN D 447 -5.88 -15.37 12.83
CA ASN D 447 -6.50 -16.29 11.90
C ASN D 447 -5.66 -16.51 10.65
N MET D 448 -5.42 -15.44 9.91
CA MET D 448 -4.59 -15.53 8.71
C MET D 448 -3.20 -16.06 9.01
N LEU D 449 -2.63 -15.67 10.15
CA LEU D 449 -1.35 -16.25 10.53
C LEU D 449 -1.41 -17.76 10.65
N ILE D 450 -2.32 -18.27 11.46
CA ILE D 450 -2.41 -19.71 11.64
C ILE D 450 -2.81 -20.41 10.34
N ILE D 451 -3.50 -19.73 9.45
CA ILE D 451 -3.73 -20.32 8.15
C ILE D 451 -2.41 -20.47 7.41
N SER D 452 -1.61 -19.42 7.43
CA SER D 452 -0.26 -19.54 6.91
C SER D 452 0.51 -20.65 7.61
N SER D 453 0.09 -21.01 8.81
CA SER D 453 0.78 -22.04 9.55
C SER D 453 0.27 -23.45 9.25
N ASP D 454 -1.04 -23.64 9.14
CA ASP D 454 -1.59 -24.99 9.04
C ASP D 454 -0.93 -25.77 7.92
N PRO D 455 -0.16 -26.81 8.24
CA PRO D 455 0.63 -27.50 7.22
C PRO D 455 -0.21 -28.21 6.19
N LEU D 456 -1.51 -28.33 6.41
CA LEU D 456 -2.41 -28.88 5.40
C LEU D 456 -2.25 -28.13 4.08
N ILE D 457 -2.45 -26.83 4.11
CA ILE D 457 -2.16 -26.00 2.96
C ILE D 457 -0.66 -26.01 2.70
N SER D 458 -0.26 -26.53 1.54
CA SER D 458 1.09 -26.33 1.04
C SER D 458 1.18 -24.93 0.50
N PHE D 459 1.61 -24.01 1.35
CA PHE D 459 1.70 -22.60 1.02
C PHE D 459 2.72 -22.36 -0.08
N THR D 460 2.27 -21.91 -1.25
CA THR D 460 3.16 -21.64 -2.39
C THR D 460 3.70 -20.23 -2.28
N ARG D 461 4.82 -20.09 -1.55
CA ARG D 461 5.43 -18.80 -1.27
C ARG D 461 5.72 -18.03 -2.56
N PRO D 462 5.90 -16.71 -2.44
CA PRO D 462 6.51 -15.96 -3.54
C PRO D 462 7.86 -16.50 -3.97
N LYS D 463 8.06 -16.52 -5.29
CA LYS D 463 9.26 -17.02 -5.92
C LYS D 463 10.50 -16.23 -5.54
N LEU D 464 11.59 -16.95 -5.31
CA LEU D 464 12.92 -16.41 -5.17
C LEU D 464 13.86 -17.32 -5.95
N ASP D 465 15.09 -16.87 -6.18
CA ASP D 465 16.09 -17.76 -6.76
C ASP D 465 16.24 -19.03 -5.93
N ALA D 466 16.46 -20.14 -6.65
CA ALA D 466 16.41 -21.47 -6.07
C ALA D 466 17.21 -21.58 -4.78
N HIS D 467 18.53 -21.37 -4.86
CA HIS D 467 19.39 -21.49 -3.69
C HIS D 467 19.75 -20.14 -3.08
N LYS D 468 20.30 -19.23 -3.88
CA LYS D 468 20.79 -17.93 -3.36
C LYS D 468 21.74 -18.12 -2.19
N ARG D 469 22.44 -19.26 -2.15
CA ARG D 469 23.34 -19.63 -1.05
C ARG D 469 24.76 -19.35 -1.51
N GLN D 470 25.24 -18.15 -1.22
CA GLN D 470 26.60 -17.77 -1.58
C GLN D 470 27.59 -18.52 -0.70
N THR D 471 28.30 -19.48 -1.28
CA THR D 471 29.36 -20.17 -0.56
C THR D 471 30.41 -19.18 -0.10
N TYR D 472 30.52 -19.03 1.21
CA TYR D 472 31.24 -17.91 1.81
C TYR D 472 32.75 -18.11 1.65
N PHE D 473 33.49 -17.09 2.10
CA PHE D 473 34.90 -16.85 1.79
C PHE D 473 35.80 -18.07 1.82
N LYS D 474 36.83 -18.07 0.95
CA LYS D 474 37.74 -19.20 0.83
C LYS D 474 38.36 -19.59 2.17
N GLU D 475 38.50 -18.60 3.06
CA GLU D 475 38.96 -18.86 4.41
C GLU D 475 37.98 -19.72 5.19
N THR D 476 36.71 -19.70 4.80
CA THR D 476 35.80 -20.74 5.24
C THR D 476 35.94 -22.00 4.39
N VAL D 477 36.04 -21.84 3.07
CA VAL D 477 36.03 -22.97 2.14
C VAL D 477 37.10 -24.00 2.48
N GLU D 478 38.26 -23.58 2.98
CA GLU D 478 39.26 -24.57 3.39
C GLU D 478 39.28 -24.84 4.89
N LEU D 479 38.89 -23.89 5.72
CA LEU D 479 38.76 -24.14 7.15
C LEU D 479 37.49 -24.91 7.50
N LEU D 480 36.62 -25.15 6.54
CA LEU D 480 35.47 -26.03 6.70
C LEU D 480 35.68 -27.30 5.90
N GLN D 481 34.78 -28.26 6.10
CA GLN D 481 34.79 -29.51 5.37
C GLN D 481 33.48 -29.68 4.62
N LEU D 482 33.54 -30.24 3.41
CA LEU D 482 32.39 -30.34 2.51
C LEU D 482 31.66 -31.67 2.58
N GLN D 483 31.82 -32.42 3.66
CA GLN D 483 31.16 -33.71 3.87
C GLN D 483 29.98 -33.53 4.82
N ASP D 484 28.81 -33.16 4.28
CA ASP D 484 27.75 -32.56 5.09
C ASP D 484 26.43 -33.27 4.84
N GLN D 485 25.75 -33.63 5.92
CA GLN D 485 24.36 -34.00 5.77
C GLN D 485 23.47 -32.78 6.03
N GLU D 486 23.81 -31.68 5.38
CA GLU D 486 23.06 -30.43 5.35
C GLU D 486 23.69 -29.51 4.31
N ALA D 487 22.88 -28.59 3.78
CA ALA D 487 23.39 -27.52 2.94
C ALA D 487 22.50 -26.30 3.08
N PRO D 488 22.53 -25.64 4.23
CA PRO D 488 21.56 -24.57 4.50
C PRO D 488 21.90 -23.30 3.75
N THR D 489 20.89 -22.72 3.12
CA THR D 489 21.04 -21.38 2.54
C THR D 489 21.28 -20.36 3.64
N GLU D 490 20.39 -20.31 4.62
CA GLU D 490 20.57 -19.43 5.76
C GLU D 490 20.60 -20.17 7.09
N PHE D 491 19.89 -21.28 7.22
CA PHE D 491 19.82 -22.04 8.47
C PHE D 491 19.35 -23.46 8.20
#